data_5LKY
#
_entry.id   5LKY
#
_cell.length_a   55.490
_cell.length_b   134.300
_cell.length_c   79.460
_cell.angle_alpha   90.00
_cell.angle_beta   108.10
_cell.angle_gamma   90.00
#
_symmetry.space_group_name_H-M   'P 1 21 1'
#
loop_
_entity.id
_entity.type
_entity.pdbx_description
1 polymer 'N-acetylneuraminate lyase'
2 non-polymer DI(HYDROXYETHYL)ETHER
3 water water
#
_entity_poly.entity_id   1
_entity_poly.type   'polypeptide(L)'
_entity_poly.pdbx_seq_one_letter_code
;MEHHHHHHNKDLKGLYAALLVPFDENGQVNEQGLKQIAQNAIETEELDGLYVNGSSGENFLLNTEQKKQVFKVAKEAVGD
KVKLIAQVGSLDLNEAIELGKYATELGYDALSAVTPFYYPFTFEEIRDYYFDIIEATQNNMIIYAIPDLTGVNISIEQFS
ELFNHEKIVGV(KPI)YTAPNFFLLERIRKAFPDKLILSG(P9S)DEMLVQATISGVDGAIGSTYNVNGRRARKIFDLAR
QGQIQEAYQLQHDSNDIIETVLSMGIYPTLKEILRHRGIDAGLPKRPFKPFNEAHRQTLDQLIAKYDL
;
_entity_poly.pdbx_strand_id   A,B,C,D
#
loop_
_chem_comp.id
_chem_comp.type
_chem_comp.name
_chem_comp.formula
PEG non-polymer DI(HYDROXYETHYL)ETHER 'C4 H10 O3'
#
# COMPACT_ATOMS: atom_id res chain seq x y z
N LYS A 10 7.44 37.60 12.13
CA LYS A 10 8.08 37.74 10.79
C LYS A 10 7.34 36.93 9.73
N ASP A 11 7.34 37.41 8.49
CA ASP A 11 6.92 36.62 7.33
C ASP A 11 7.85 35.40 7.21
N LEU A 12 7.32 34.26 6.80
CA LEU A 12 8.07 33.01 7.00
C LEU A 12 8.57 32.36 5.73
N LYS A 13 8.52 33.09 4.63
CA LYS A 13 9.06 32.58 3.38
C LYS A 13 10.55 32.36 3.54
N GLY A 14 11.10 31.45 2.74
CA GLY A 14 12.53 31.26 2.70
C GLY A 14 12.98 29.82 2.82
N LEU A 15 14.29 29.67 2.95
CA LEU A 15 14.90 28.34 3.01
C LEU A 15 15.38 28.04 4.40
N TYR A 16 15.01 26.87 4.91
CA TYR A 16 15.26 26.49 6.28
C TYR A 16 16.02 25.20 6.40
N ALA A 17 17.00 25.15 7.30
CA ALA A 17 17.56 23.88 7.68
C ALA A 17 16.65 23.20 8.69
N ALA A 18 16.33 21.94 8.42
CA ALA A 18 15.72 21.10 9.42
C ALA A 18 16.87 20.70 10.35
N LEU A 19 16.93 21.31 11.53
CA LEU A 19 18.11 21.23 12.38
C LEU A 19 18.42 19.82 12.82
N LEU A 20 19.67 19.40 12.57
CA LEU A 20 20.15 18.11 13.02
C LEU A 20 20.72 18.27 14.41
N VAL A 21 20.67 17.21 15.19
CA VAL A 21 21.08 17.26 16.62
C VAL A 21 22.12 16.20 16.88
N PRO A 22 23.29 16.61 17.44
CA PRO A 22 24.33 15.62 17.83
C PRO A 22 24.08 15.05 19.22
N PHE A 23 24.22 13.74 19.38
CA PHE A 23 24.06 13.10 20.67
C PHE A 23 25.37 12.44 21.12
N ASP A 24 25.41 12.16 22.42
CA ASP A 24 26.40 11.21 22.92
C ASP A 24 25.87 9.76 22.88
N GLU A 25 26.67 8.82 23.36
CA GLU A 25 26.32 7.40 23.32
C GLU A 25 25.14 6.98 24.23
N ASN A 26 24.73 7.87 25.13
CA ASN A 26 23.60 7.64 26.00
C ASN A 26 22.35 8.40 25.52
N GLY A 27 22.42 8.93 24.31
CA GLY A 27 21.32 9.66 23.72
C GLY A 27 21.11 11.04 24.36
N GLN A 28 22.14 11.61 24.98
CA GLN A 28 22.06 12.96 25.50
C GLN A 28 22.52 13.98 24.48
N VAL A 29 21.87 15.14 24.47
CA VAL A 29 22.16 16.19 23.53
C VAL A 29 23.55 16.78 23.81
N ASN A 30 24.34 16.91 22.76
CA ASN A 30 25.62 17.63 22.78
C ASN A 30 25.36 19.10 22.46
N GLU A 31 25.25 19.92 23.48
CA GLU A 31 24.81 21.31 23.30
C GLU A 31 25.80 22.13 22.49
N GLN A 32 27.09 21.88 22.69
CA GLN A 32 28.12 22.62 21.98
C GLN A 32 28.06 22.30 20.49
N GLY A 33 27.91 21.02 20.17
CA GLY A 33 27.77 20.60 18.80
C GLY A 33 26.50 21.13 18.16
N LEU A 34 25.41 21.15 18.93
CA LEU A 34 24.13 21.67 18.41
C LEU A 34 24.24 23.14 18.05
N LYS A 35 24.90 23.92 18.90
CA LYS A 35 25.14 25.31 18.60
C LYS A 35 25.93 25.49 17.30
N GLN A 36 26.96 24.68 17.11
CA GLN A 36 27.76 24.69 15.88
C GLN A 36 26.94 24.35 14.64
N ILE A 37 26.05 23.39 14.77
CA ILE A 37 25.21 22.99 13.64
C ILE A 37 24.27 24.15 13.28
N ALA A 38 23.70 24.79 14.30
CA ALA A 38 22.80 25.90 14.07
C ALA A 38 23.55 27.05 13.37
N GLN A 39 24.74 27.38 13.86
CA GLN A 39 25.55 28.42 13.24
C GLN A 39 26.00 28.05 11.84
N ASN A 40 26.32 26.79 11.60
CA ASN A 40 26.67 26.34 10.25
C ASN A 40 25.54 26.65 9.28
N ALA A 41 24.31 26.39 9.73
CA ALA A 41 23.16 26.49 8.84
C ALA A 41 22.95 27.94 8.37
N ILE A 42 23.15 28.86 9.31
CA ILE A 42 22.91 30.28 9.06
C ILE A 42 24.13 30.97 8.44
N GLU A 43 25.30 30.76 9.04
CA GLU A 43 26.52 31.49 8.66
C GLU A 43 27.23 30.91 7.42
N THR A 44 27.33 29.60 7.33
CA THR A 44 27.97 28.94 6.20
C THR A 44 27.01 28.63 5.05
N GLU A 45 25.86 28.05 5.37
CA GLU A 45 24.92 27.67 4.35
C GLU A 45 23.98 28.80 3.96
N GLU A 46 24.04 29.92 4.69
CA GLU A 46 23.36 31.16 4.30
C GLU A 46 21.86 30.99 4.21
N LEU A 47 21.33 30.20 5.13
CA LEU A 47 19.88 29.94 5.15
C LEU A 47 19.10 31.03 5.88
N ASP A 48 17.80 31.05 5.65
CA ASP A 48 16.91 32.05 6.24
C ASP A 48 16.47 31.74 7.66
N GLY A 49 16.46 30.46 8.00
CA GLY A 49 15.93 30.04 9.27
C GLY A 49 16.25 28.60 9.62
N LEU A 50 15.77 28.21 10.80
CA LEU A 50 15.90 26.86 11.30
C LEU A 50 14.51 26.34 11.61
N TYR A 51 14.24 25.10 11.20
CA TYR A 51 13.06 24.34 11.60
C TYR A 51 13.53 23.37 12.66
N VAL A 52 13.15 23.63 13.91
CA VAL A 52 13.72 22.97 15.07
C VAL A 52 12.81 21.87 15.63
N ASN A 53 13.42 20.74 16.00
CA ASN A 53 12.73 19.58 16.59
C ASN A 53 11.76 18.92 15.58
N GLY A 54 12.13 18.98 14.32
CA GLY A 54 11.47 18.20 13.28
C GLY A 54 11.91 16.75 13.27
N SER A 55 11.44 16.03 12.27
CA SER A 55 11.88 14.64 12.07
C SER A 55 13.40 14.54 11.98
N SER A 56 13.99 15.49 11.24
CA SER A 56 15.45 15.52 11.02
C SER A 56 16.26 15.68 12.29
N GLY A 57 15.67 16.25 13.32
CA GLY A 57 16.35 16.41 14.59
C GLY A 57 16.18 15.24 15.52
N GLU A 58 15.67 14.12 14.99
CA GLU A 58 15.39 12.94 15.78
C GLU A 58 14.43 13.25 16.92
N ASN A 59 13.56 14.23 16.69
CA ASN A 59 12.70 14.75 17.74
C ASN A 59 11.80 13.69 18.37
N PHE A 60 11.31 12.74 17.56
CA PHE A 60 10.37 11.74 18.08
C PHE A 60 11.04 10.67 18.98
N LEU A 61 12.38 10.70 19.06
CA LEU A 61 13.13 9.85 19.96
C LEU A 61 13.46 10.58 21.28
N LEU A 62 13.10 11.85 21.40
CA LEU A 62 13.52 12.67 22.55
C LEU A 62 12.50 12.70 23.67
N ASN A 63 12.95 13.00 24.87
CA ASN A 63 12.01 13.30 25.97
C ASN A 63 11.72 14.78 26.00
N THR A 64 10.74 15.18 26.80
CA THR A 64 10.31 16.57 26.82
C THR A 64 11.39 17.58 27.21
N GLU A 65 12.16 17.24 28.23
CA GLU A 65 13.25 18.09 28.68
C GLU A 65 14.23 18.33 27.55
N GLN A 66 14.56 17.27 26.82
CA GLN A 66 15.48 17.36 25.70
C GLN A 66 14.98 18.26 24.57
N LYS A 67 13.71 18.11 24.23
CA LYS A 67 13.10 18.99 23.24
C LYS A 67 13.20 20.46 23.65
N LYS A 68 12.98 20.76 24.92
CA LYS A 68 13.09 22.13 25.40
C LYS A 68 14.53 22.62 25.27
N GLN A 69 15.45 21.75 25.63
CA GLN A 69 16.87 22.04 25.54
C GLN A 69 17.27 22.40 24.11
N VAL A 70 16.80 21.61 23.14
CA VAL A 70 17.09 21.88 21.75
C VAL A 70 16.50 23.24 21.34
N PHE A 71 15.24 23.51 21.70
CA PHE A 71 14.62 24.79 21.35
C PHE A 71 15.46 25.97 21.91
N LYS A 72 15.96 25.82 23.13
CA LYS A 72 16.66 26.93 23.79
C LYS A 72 18.04 27.14 23.15
N VAL A 73 18.78 26.06 22.98
CA VAL A 73 20.11 26.13 22.39
C VAL A 73 20.06 26.66 20.95
N ALA A 74 19.10 26.22 20.14
CA ALA A 74 19.01 26.72 18.78
C ALA A 74 18.73 28.21 18.77
N LYS A 75 17.83 28.67 19.64
CA LYS A 75 17.45 30.07 19.70
C LYS A 75 18.67 30.93 20.10
N GLU A 76 19.39 30.45 21.09
CA GLU A 76 20.56 31.18 21.62
C GLU A 76 21.73 31.22 20.63
N ALA A 77 21.77 30.25 19.73
CA ALA A 77 22.85 30.13 18.75
C ALA A 77 22.77 31.12 17.59
N VAL A 78 21.60 31.69 17.34
CA VAL A 78 21.38 32.52 16.17
C VAL A 78 20.88 33.92 16.48
N GLY A 79 21.09 34.82 15.52
CA GLY A 79 20.73 36.24 15.66
C GLY A 79 19.25 36.48 15.48
N ASP A 80 18.78 37.66 15.84
CA ASP A 80 17.34 37.91 15.88
C ASP A 80 16.66 38.07 14.51
N LYS A 81 17.45 38.18 13.43
CA LYS A 81 16.89 38.17 12.07
C LYS A 81 16.65 36.76 11.50
N VAL A 82 17.14 35.73 12.19
CA VAL A 82 16.95 34.36 11.73
C VAL A 82 15.51 33.94 12.05
N LYS A 83 14.82 33.34 11.06
CA LYS A 83 13.46 32.83 11.25
C LYS A 83 13.51 31.48 11.95
N LEU A 84 12.60 31.27 12.90
CA LEU A 84 12.62 30.09 13.73
C LEU A 84 11.23 29.47 13.79
N ILE A 85 11.13 28.23 13.32
CA ILE A 85 9.90 27.48 13.41
C ILE A 85 10.13 26.31 14.35
N ALA A 86 9.20 26.18 15.30
CA ALA A 86 9.28 25.13 16.31
C ALA A 86 8.30 24.00 16.04
N GLN A 87 8.81 22.80 15.73
CA GLN A 87 7.94 21.64 15.56
C GLN A 87 7.69 21.04 16.95
N VAL A 88 6.43 21.09 17.37
CA VAL A 88 6.00 20.67 18.71
C VAL A 88 5.03 19.51 18.68
N GLY A 89 4.74 19.00 17.50
CA GLY A 89 3.78 17.91 17.38
C GLY A 89 4.30 16.70 18.09
N SER A 90 3.36 15.97 18.66
CA SER A 90 3.64 14.87 19.55
C SER A 90 2.31 14.14 19.66
N LEU A 91 2.35 12.84 19.92
CA LEU A 91 1.11 12.11 20.16
C LEU A 91 0.49 12.50 21.51
N ASP A 92 1.31 13.08 22.39
CA ASP A 92 0.86 13.58 23.68
C ASP A 92 0.50 15.06 23.53
N LEU A 93 -0.80 15.34 23.40
CA LEU A 93 -1.27 16.71 23.21
C LEU A 93 -0.83 17.65 24.33
N ASN A 94 -0.84 17.15 25.57
CA ASN A 94 -0.40 17.95 26.70
C ASN A 94 1.07 18.36 26.51
N GLU A 95 1.89 17.45 25.99
CA GLU A 95 3.29 17.76 25.69
C GLU A 95 3.41 18.76 24.53
N ALA A 96 2.64 18.55 23.47
CA ALA A 96 2.62 19.49 22.37
C ALA A 96 2.29 20.92 22.83
N ILE A 97 1.32 21.02 23.72
CA ILE A 97 0.93 22.32 24.26
C ILE A 97 2.02 22.92 25.14
N GLU A 98 2.61 22.12 26.02
CA GLU A 98 3.74 22.54 26.87
C GLU A 98 4.91 23.08 26.02
N LEU A 99 5.26 22.35 24.98
CA LEU A 99 6.35 22.73 24.10
C LEU A 99 6.01 23.96 23.28
N GLY A 100 4.76 24.05 22.84
CA GLY A 100 4.30 25.18 22.06
C GLY A 100 4.37 26.46 22.88
N LYS A 101 3.99 26.37 24.14
CA LYS A 101 4.04 27.52 25.04
C LYS A 101 5.49 27.91 25.28
N TYR A 102 6.32 26.90 25.50
CA TYR A 102 7.77 27.13 25.69
C TYR A 102 8.46 27.82 24.51
N ALA A 103 8.26 27.28 23.29
CA ALA A 103 8.82 27.87 22.11
C ALA A 103 8.29 29.27 21.86
N THR A 104 7.02 29.48 22.15
CA THR A 104 6.38 30.76 21.93
C THR A 104 7.03 31.78 22.87
N GLU A 105 7.22 31.38 24.12
CA GLU A 105 7.88 32.23 25.13
C GLU A 105 9.32 32.57 24.74
N LEU A 106 10.04 31.62 24.16
CA LEU A 106 11.38 31.88 23.60
C LEU A 106 11.40 32.78 22.37
N GLY A 107 10.25 33.01 21.75
CA GLY A 107 10.16 33.89 20.62
C GLY A 107 10.24 33.23 19.25
N TYR A 108 9.95 31.95 19.16
CA TYR A 108 9.89 31.30 17.87
C TYR A 108 8.74 31.93 17.07
N ASP A 109 8.97 32.12 15.79
CA ASP A 109 8.08 32.85 14.89
C ASP A 109 6.79 32.11 14.56
N ALA A 110 6.84 30.78 14.58
CA ALA A 110 5.66 29.94 14.37
C ALA A 110 5.90 28.57 14.97
N LEU A 111 4.80 27.90 15.23
CA LEU A 111 4.82 26.50 15.61
C LEU A 111 4.47 25.66 14.38
N SER A 112 4.83 24.39 14.47
CA SER A 112 4.51 23.39 13.47
C SER A 112 4.21 22.09 14.18
N ALA A 113 3.35 21.24 13.60
CA ALA A 113 3.02 20.00 14.26
C ALA A 113 2.71 18.93 13.24
N VAL A 114 3.40 17.80 13.38
CA VAL A 114 3.13 16.66 12.55
C VAL A 114 1.70 16.19 12.77
N THR A 115 1.09 15.67 11.73
CA THR A 115 -0.23 15.07 11.88
C THR A 115 -0.14 13.89 12.85
N PRO A 116 -1.03 13.79 13.84
CA PRO A 116 -1.01 12.64 14.75
C PRO A 116 -1.01 11.31 14.00
N PHE A 117 -0.13 10.41 14.40
CA PHE A 117 0.13 9.15 13.71
C PHE A 117 0.01 7.96 14.70
N TYR A 118 0.43 6.79 14.22
CA TYR A 118 0.31 5.50 14.90
C TYR A 118 -1.16 5.04 15.00
N TYR A 119 -1.96 5.69 15.84
CA TYR A 119 -3.38 5.37 15.92
C TYR A 119 -4.11 5.86 14.67
N PRO A 120 -5.20 5.18 14.28
CA PRO A 120 -6.02 5.67 13.17
C PRO A 120 -7.00 6.78 13.56
N PHE A 121 -6.46 7.94 13.90
CA PHE A 121 -7.27 9.10 14.26
C PHE A 121 -8.12 9.53 13.08
N THR A 122 -9.33 9.96 13.37
CA THR A 122 -10.18 10.51 12.34
C THR A 122 -9.70 11.89 11.94
N PHE A 123 -10.17 12.42 10.82
CA PHE A 123 -9.83 13.79 10.48
C PHE A 123 -10.32 14.79 11.54
N GLU A 124 -11.49 14.57 12.13
CA GLU A 124 -11.97 15.51 13.13
C GLU A 124 -11.03 15.58 14.35
N GLU A 125 -10.44 14.45 14.70
CA GLU A 125 -9.52 14.35 15.83
C GLU A 125 -8.22 15.05 15.48
N ILE A 126 -7.76 14.86 14.24
CA ILE A 126 -6.59 15.60 13.72
C ILE A 126 -6.82 17.11 13.70
N ARG A 127 -7.97 17.54 13.18
CA ARG A 127 -8.29 18.95 13.13
C ARG A 127 -8.25 19.59 14.50
N ASP A 128 -8.88 18.95 15.47
CA ASP A 128 -9.01 19.53 16.77
C ASP A 128 -7.73 19.47 17.60
N TYR A 129 -6.84 18.54 17.26
CA TYR A 129 -5.47 18.62 17.79
C TYR A 129 -4.79 19.93 17.41
N TYR A 130 -4.83 20.30 16.13
CA TYR A 130 -4.26 21.57 15.67
C TYR A 130 -4.97 22.72 16.38
N PHE A 131 -6.31 22.67 16.40
CA PHE A 131 -7.08 23.77 17.01
C PHE A 131 -6.80 23.93 18.51
N ASP A 132 -6.60 22.81 19.22
CA ASP A 132 -6.31 22.84 20.65
C ASP A 132 -4.91 23.40 20.90
N ILE A 133 -3.94 23.02 20.07
CA ILE A 133 -2.60 23.61 20.25
C ILE A 133 -2.61 25.14 20.09
N ILE A 134 -3.28 25.60 19.05
CA ILE A 134 -3.40 27.03 18.77
C ILE A 134 -4.12 27.74 19.92
N GLU A 135 -5.22 27.18 20.40
CA GLU A 135 -5.98 27.82 21.49
C GLU A 135 -5.10 28.05 22.73
N ALA A 136 -4.27 27.05 23.05
CA ALA A 136 -3.44 27.13 24.24
C ALA A 136 -2.19 27.99 24.06
N THR A 137 -1.69 28.14 22.83
CA THR A 137 -0.42 28.84 22.63
C THR A 137 -0.58 30.23 22.04
N GLN A 138 -1.67 30.42 21.28
CA GLN A 138 -1.94 31.65 20.51
C GLN A 138 -0.88 32.02 19.48
N ASN A 139 -0.07 31.06 19.05
CA ASN A 139 0.93 31.32 18.04
C ASN A 139 0.41 30.81 16.72
N ASN A 140 1.07 31.19 15.64
CA ASN A 140 0.74 30.67 14.33
C ASN A 140 1.21 29.24 14.17
N MET A 141 0.48 28.50 13.35
CA MET A 141 0.69 27.06 13.24
C MET A 141 0.88 26.68 11.79
N ILE A 142 1.87 25.85 11.55
CA ILE A 142 2.12 25.25 10.26
C ILE A 142 1.88 23.74 10.36
N ILE A 143 0.97 23.24 9.51
CA ILE A 143 0.70 21.81 9.42
C ILE A 143 1.93 21.11 8.87
N TYR A 144 2.33 20.00 9.47
CA TYR A 144 3.43 19.21 8.95
C TYR A 144 2.87 17.89 8.44
N ALA A 145 2.79 17.80 7.12
CA ALA A 145 2.25 16.63 6.45
C ALA A 145 3.40 15.83 5.86
N ILE A 146 3.53 14.58 6.32
CA ILE A 146 4.59 13.68 5.86
C ILE A 146 4.00 12.25 5.74
N PRO A 147 3.13 12.06 4.73
CA PRO A 147 2.37 10.82 4.61
C PRO A 147 3.24 9.56 4.48
N ASP A 148 4.45 9.67 3.96
CA ASP A 148 5.28 8.47 3.82
C ASP A 148 5.74 7.89 5.16
N LEU A 149 5.75 8.69 6.22
CA LEU A 149 6.06 8.20 7.57
C LEU A 149 4.84 8.00 8.46
N THR A 150 3.81 8.83 8.30
CA THR A 150 2.65 8.77 9.19
C THR A 150 1.52 7.90 8.65
N GLY A 151 1.47 7.76 7.33
CA GLY A 151 0.36 7.10 6.64
C GLY A 151 -0.92 7.94 6.62
N VAL A 152 -0.81 9.21 7.01
CA VAL A 152 -1.94 10.12 7.06
C VAL A 152 -1.94 10.97 5.81
N ASN A 153 -3.04 10.89 5.07
CA ASN A 153 -3.23 11.73 3.91
C ASN A 153 -4.30 12.78 4.20
N ILE A 154 -3.99 14.04 3.91
CA ILE A 154 -4.93 15.16 4.04
C ILE A 154 -5.39 15.57 2.65
N SER A 155 -6.70 15.53 2.43
CA SER A 155 -7.26 15.88 1.14
C SER A 155 -7.32 17.37 0.96
N ILE A 156 -7.56 17.79 -0.27
CA ILE A 156 -7.78 19.21 -0.52
C ILE A 156 -8.95 19.76 0.30
N GLU A 157 -10.01 18.99 0.47
CA GLU A 157 -11.15 19.45 1.26
C GLU A 157 -10.82 19.58 2.75
N GLN A 158 -10.04 18.64 3.26
CA GLN A 158 -9.55 18.73 4.64
C GLN A 158 -8.59 19.93 4.86
N PHE A 159 -7.72 20.22 3.91
CA PHE A 159 -6.89 21.43 4.00
C PHE A 159 -7.77 22.69 4.10
N SER A 160 -8.86 22.71 3.33
CA SER A 160 -9.75 23.86 3.33
CA SER A 160 -9.74 23.86 3.33
C SER A 160 -10.29 24.10 4.73
N GLU A 161 -10.66 23.03 5.40
CA GLU A 161 -11.19 23.13 6.74
C GLU A 161 -10.11 23.64 7.70
N LEU A 162 -8.90 23.13 7.58
CA LEU A 162 -7.81 23.60 8.44
C LEU A 162 -7.46 25.04 8.15
N PHE A 163 -7.35 25.38 6.88
CA PHE A 163 -6.96 26.73 6.46
C PHE A 163 -8.01 27.80 6.71
N ASN A 164 -9.22 27.36 7.00
CA ASN A 164 -10.23 28.26 7.52
C ASN A 164 -9.81 28.98 8.80
N HIS A 165 -8.96 28.34 9.62
CA HIS A 165 -8.46 28.95 10.82
C HIS A 165 -7.37 29.95 10.48
N GLU A 166 -7.53 31.19 10.95
CA GLU A 166 -6.61 32.27 10.59
C GLU A 166 -5.18 32.05 11.11
N LYS A 167 -5.04 31.29 12.19
CA LYS A 167 -3.72 30.99 12.74
C LYS A 167 -3.08 29.72 12.16
N ILE A 168 -3.79 28.98 11.31
CA ILE A 168 -3.12 27.94 10.51
C ILE A 168 -2.65 28.61 9.25
N VAL A 169 -1.38 29.00 9.28
CA VAL A 169 -0.84 29.89 8.27
C VAL A 169 -0.27 29.17 7.09
N GLY A 170 -0.14 27.86 7.19
CA GLY A 170 0.47 27.16 6.09
C GLY A 170 0.75 25.71 6.37
N VAL A 171 1.58 25.14 5.50
CA VAL A 171 1.90 23.72 5.56
C VAL A 171 3.35 23.47 5.11
N KPI A 172 4.01 22.56 5.81
CA KPI A 172 5.27 21.94 5.42
CB KPI A 172 6.19 21.58 6.62
CG KPI A 172 7.45 20.89 6.09
CD KPI A 172 8.28 20.47 7.28
CE KPI A 172 9.48 19.65 6.76
NZ KPI A 172 10.11 19.10 7.95
CX1 KPI A 172 11.27 18.39 7.97
C1 KPI A 172 12.23 18.33 6.78
CX2 KPI A 172 11.66 17.78 9.27
O1 KPI A 172 12.78 17.12 9.39
O2 KPI A 172 10.81 17.78 10.24
C KPI A 172 4.84 20.63 4.74
O KPI A 172 4.35 19.69 5.39
N TYR A 173 4.98 20.60 3.42
CA TYR A 173 4.43 19.55 2.58
C TYR A 173 5.59 18.64 2.19
N THR A 174 5.67 17.47 2.83
CA THR A 174 6.73 16.47 2.58
C THR A 174 6.05 15.26 1.97
N ALA A 175 5.72 15.35 0.70
CA ALA A 175 4.92 14.35 0.01
C ALA A 175 5.27 14.45 -1.44
N PRO A 176 5.18 13.33 -2.18
CA PRO A 176 5.56 13.33 -3.59
C PRO A 176 4.48 13.78 -4.61
N ASN A 177 3.26 14.11 -4.16
CA ASN A 177 2.13 14.31 -5.07
C ASN A 177 2.00 15.75 -5.55
N PHE A 178 2.44 15.97 -6.77
CA PHE A 178 2.43 17.31 -7.37
C PHE A 178 1.09 17.78 -7.87
N PHE A 179 0.14 16.87 -8.05
CA PHE A 179 -1.24 17.27 -8.36
C PHE A 179 -1.80 17.90 -7.08
N LEU A 180 -1.69 17.20 -5.96
CA LEU A 180 -2.22 17.73 -4.71
C LEU A 180 -1.53 19.05 -4.39
N LEU A 181 -0.20 19.13 -4.54
CA LEU A 181 0.49 20.40 -4.26
C LEU A 181 -0.01 21.59 -5.10
N GLU A 182 -0.21 21.36 -6.38
CA GLU A 182 -0.75 22.37 -7.27
C GLU A 182 -2.16 22.79 -6.86
N ARG A 183 -3.01 21.84 -6.49
CA ARG A 183 -4.36 22.15 -6.05
C ARG A 183 -4.36 22.99 -4.76
N ILE A 184 -3.47 22.65 -3.83
CA ILE A 184 -3.29 23.44 -2.59
C ILE A 184 -2.84 24.86 -2.94
N ARG A 185 -1.82 24.97 -3.78
CA ARG A 185 -1.27 26.26 -4.16
C ARG A 185 -2.33 27.16 -4.78
N LYS A 186 -3.14 26.62 -5.69
CA LYS A 186 -4.20 27.40 -6.34
C LYS A 186 -5.35 27.77 -5.39
N ALA A 187 -5.75 26.85 -4.54
CA ALA A 187 -6.89 27.05 -3.65
C ALA A 187 -6.53 28.03 -2.54
N PHE A 188 -5.26 28.11 -2.14
CA PHE A 188 -4.86 28.90 -0.95
C PHE A 188 -3.65 29.79 -1.29
N PRO A 189 -3.86 30.79 -2.17
CA PRO A 189 -2.78 31.69 -2.57
C PRO A 189 -2.21 32.51 -1.43
N ASP A 190 -3.02 32.64 -0.37
CA ASP A 190 -2.73 33.41 0.84
C ASP A 190 -2.01 32.63 1.96
N LYS A 191 -1.77 31.34 1.75
CA LYS A 191 -1.15 30.53 2.78
C LYS A 191 0.28 30.22 2.40
N LEU A 192 1.06 29.85 3.40
CA LEU A 192 2.48 29.58 3.23
C LEU A 192 2.63 28.11 2.91
N ILE A 193 3.32 27.78 1.82
CA ILE A 193 3.64 26.39 1.54
C ILE A 193 5.15 26.23 1.49
N LEU A 194 5.70 25.40 2.38
CA LEU A 194 7.13 25.11 2.43
C LEU A 194 7.32 23.65 2.06
N SER A 195 8.10 23.38 1.03
CA SER A 195 8.29 22.00 0.60
CA SER A 195 8.35 22.03 0.55
C SER A 195 9.33 21.31 1.46
N GLY A 196 9.07 20.04 1.77
CA GLY A 196 9.93 19.18 2.57
C GLY A 196 10.71 18.07 1.83
OAK P9S A 197 8.37 12.43 -0.81
OAK P9S A 197 9.42 11.23 -0.24
CAI P9S A 197 9.75 12.14 -0.73
CAI P9S A 197 8.92 11.65 1.01
CAH P9S A 197 10.21 12.69 0.62
CAH P9S A 197 9.51 13.05 1.24
OAJ P9S A 197 11.38 12.00 1.09
OAJ P9S A 197 10.61 13.00 2.16
CAG P9S A 197 10.55 14.16 0.49
CAG P9S A 197 9.94 13.61 -0.10
SAF P9S A 197 10.63 14.46 -1.32
SAF P9S A 197 9.10 15.22 -0.35
CB P9S A 197 10.45 16.24 -1.42
CB P9S A 197 10.36 16.14 -1.27
CA P9S A 197 11.25 16.86 -0.26
CA P9S A 197 11.24 16.86 -0.23
N P9S A 197 10.51 17.89 0.53
C P9S A 197 12.44 17.50 -0.96
O P9S A 197 12.30 18.05 -2.06
N ASP A 198 13.62 17.40 -0.36
CA ASP A 198 14.81 18.10 -0.90
C ASP A 198 15.10 17.66 -2.33
N GLU A 199 14.83 16.39 -2.61
CA GLU A 199 15.10 15.83 -3.93
C GLU A 199 14.13 16.28 -5.02
N MET A 200 13.11 17.06 -4.64
CA MET A 200 12.17 17.60 -5.61
C MET A 200 11.99 19.11 -5.46
N LEU A 201 13.04 19.77 -4.97
CA LEU A 201 13.00 21.22 -4.76
C LEU A 201 12.70 22.01 -6.03
N VAL A 202 13.37 21.68 -7.13
CA VAL A 202 13.14 22.40 -8.36
C VAL A 202 11.69 22.31 -8.83
N GLN A 203 11.09 21.10 -8.75
CA GLN A 203 9.70 20.93 -9.14
C GLN A 203 8.77 21.67 -8.16
N ALA A 204 9.11 21.65 -6.88
CA ALA A 204 8.30 22.35 -5.89
C ALA A 204 8.36 23.85 -6.15
N THR A 205 9.54 24.33 -6.52
CA THR A 205 9.74 25.75 -6.75
C THR A 205 8.87 26.24 -7.90
N ILE A 206 8.87 25.51 -9.01
CA ILE A 206 8.06 25.94 -10.13
C ILE A 206 6.58 25.72 -9.85
N SER A 207 6.27 24.91 -8.83
CA SER A 207 4.90 24.74 -8.35
C SER A 207 4.47 25.83 -7.34
N GLY A 208 5.30 26.84 -7.16
CA GLY A 208 4.93 28.04 -6.42
C GLY A 208 5.09 27.98 -4.92
N VAL A 209 5.92 27.06 -4.40
CA VAL A 209 6.15 27.03 -2.95
C VAL A 209 6.84 28.32 -2.51
N ASP A 210 6.61 28.71 -1.28
CA ASP A 210 7.15 29.96 -0.71
C ASP A 210 8.53 29.74 -0.10
N GLY A 211 9.01 28.51 -0.15
CA GLY A 211 10.28 28.15 0.44
C GLY A 211 10.36 26.65 0.68
N ALA A 212 11.37 26.22 1.43
CA ALA A 212 11.61 24.82 1.66
C ALA A 212 12.31 24.62 2.99
N ILE A 213 12.09 23.43 3.55
CA ILE A 213 12.68 22.97 4.80
C ILE A 213 13.32 21.62 4.51
N GLY A 214 14.58 21.44 4.87
CA GLY A 214 15.22 20.19 4.52
C GLY A 214 16.40 19.82 5.39
N SER A 215 16.61 18.53 5.60
CA SER A 215 17.79 18.08 6.34
C SER A 215 19.07 18.34 5.56
N THR A 216 19.01 18.18 4.24
CA THR A 216 20.22 18.27 3.43
C THR A 216 20.69 19.70 3.27
N TYR A 217 19.85 20.68 3.59
CA TYR A 217 20.27 22.08 3.52
C TYR A 217 21.32 22.41 4.59
N ASN A 218 21.44 21.56 5.61
CA ASN A 218 22.57 21.64 6.56
C ASN A 218 23.94 21.53 5.91
N VAL A 219 24.03 20.81 4.79
CA VAL A 219 25.29 20.67 4.04
C VAL A 219 25.25 21.21 2.60
N ASN A 220 24.06 21.45 2.06
CA ASN A 220 23.89 21.81 0.65
C ASN A 220 23.00 23.03 0.45
N GLY A 221 22.92 23.89 1.45
CA GLY A 221 22.02 25.04 1.41
C GLY A 221 22.34 26.10 0.40
N ARG A 222 23.63 26.33 0.13
CA ARG A 222 24.00 27.24 -0.95
C ARG A 222 23.52 26.77 -2.33
N ARG A 223 23.68 25.49 -2.63
CA ARG A 223 23.21 24.93 -3.87
C ARG A 223 21.67 24.98 -3.92
N ALA A 224 21.04 24.66 -2.81
CA ALA A 224 19.58 24.72 -2.76
C ALA A 224 19.07 26.13 -3.06
N ARG A 225 19.71 27.16 -2.49
CA ARG A 225 19.30 28.53 -2.79
C ARG A 225 19.40 28.86 -4.26
N LYS A 226 20.46 28.41 -4.92
CA LYS A 226 20.61 28.62 -6.37
C LYS A 226 19.52 27.93 -7.18
N ILE A 227 19.18 26.69 -6.79
CA ILE A 227 18.09 26.00 -7.45
C ILE A 227 16.82 26.84 -7.30
N PHE A 228 16.54 27.27 -6.08
CA PHE A 228 15.30 28.00 -5.80
C PHE A 228 15.29 29.31 -6.62
N ASP A 229 16.37 30.05 -6.55
CA ASP A 229 16.43 31.36 -7.21
C ASP A 229 16.45 31.27 -8.72
N LEU A 230 17.31 30.43 -9.27
CA LEU A 230 17.40 30.29 -10.73
C LEU A 230 16.09 29.80 -11.34
N ALA A 231 15.44 28.87 -10.65
CA ALA A 231 14.16 28.34 -11.13
C ALA A 231 13.12 29.44 -11.22
N ARG A 232 13.07 30.32 -10.22
CA ARG A 232 12.11 31.43 -10.23
C ARG A 232 12.51 32.52 -11.21
N GLN A 233 13.80 32.65 -11.52
CA GLN A 233 14.26 33.56 -12.62
C GLN A 233 14.11 32.92 -14.00
N GLY A 234 13.65 31.67 -14.09
CA GLY A 234 13.45 31.02 -15.38
C GLY A 234 14.72 30.50 -16.04
N GLN A 235 15.82 30.51 -15.28
CA GLN A 235 17.02 29.81 -15.66
C GLN A 235 16.86 28.35 -15.21
N ILE A 236 15.87 27.71 -15.80
CA ILE A 236 15.39 26.43 -15.37
C ILE A 236 16.38 25.31 -15.67
N GLN A 237 17.08 25.36 -16.81
CA GLN A 237 18.06 24.32 -17.13
C GLN A 237 19.21 24.34 -16.16
N GLU A 238 19.65 25.54 -15.81
CA GLU A 238 20.70 25.71 -14.82
C GLU A 238 20.22 25.23 -13.44
N ALA A 239 19.01 25.63 -13.07
CA ALA A 239 18.39 25.10 -11.82
C ALA A 239 18.35 23.57 -11.82
N TYR A 240 17.90 22.98 -12.92
CA TYR A 240 17.73 21.54 -12.98
C TYR A 240 19.07 20.85 -12.91
N GLN A 241 20.10 21.42 -13.53
CA GLN A 241 21.45 20.85 -13.42
C GLN A 241 21.92 20.75 -11.96
N LEU A 242 21.66 21.80 -11.19
CA LEU A 242 21.99 21.82 -9.77
C LEU A 242 21.14 20.83 -8.99
N GLN A 243 19.90 20.61 -9.41
CA GLN A 243 19.10 19.54 -8.82
C GLN A 243 19.72 18.16 -9.10
N HIS A 244 20.25 17.94 -10.30
CA HIS A 244 20.96 16.68 -10.57
C HIS A 244 22.10 16.50 -9.57
N ASP A 245 22.89 17.53 -9.34
CA ASP A 245 24.01 17.46 -8.41
C ASP A 245 23.53 17.21 -6.97
N SER A 246 22.52 17.97 -6.56
CA SER A 246 21.91 17.78 -5.25
C SER A 246 21.38 16.36 -5.06
N ASN A 247 20.80 15.80 -6.11
CA ASN A 247 20.21 14.47 -6.03
C ASN A 247 21.26 13.35 -6.02
N ASP A 248 22.42 13.59 -6.63
CA ASP A 248 23.58 12.70 -6.38
C ASP A 248 23.90 12.66 -4.89
N ILE A 249 23.91 13.83 -4.26
CA ILE A 249 24.21 13.94 -2.84
C ILE A 249 23.14 13.23 -2.02
N ILE A 250 21.89 13.52 -2.33
CA ILE A 250 20.79 12.96 -1.56
C ILE A 250 20.74 11.43 -1.72
N GLU A 251 20.86 10.92 -2.94
CA GLU A 251 20.86 9.49 -3.14
C GLU A 251 21.98 8.81 -2.34
N THR A 252 23.16 9.43 -2.34
CA THR A 252 24.29 8.86 -1.63
C THR A 252 24.06 8.83 -0.12
N VAL A 253 23.64 9.95 0.47
CA VAL A 253 23.46 9.98 1.90
C VAL A 253 22.29 9.07 2.35
N LEU A 254 21.25 8.96 1.53
CA LEU A 254 20.15 8.04 1.83
C LEU A 254 20.63 6.59 1.87
N SER A 255 21.53 6.22 0.97
CA SER A 255 22.02 4.86 0.91
C SER A 255 22.93 4.53 2.10
N MET A 256 23.50 5.55 2.74
CA MET A 256 24.40 5.38 3.86
C MET A 256 23.73 5.61 5.22
N GLY A 257 22.46 6.04 5.24
CA GLY A 257 21.80 6.43 6.48
C GLY A 257 21.84 7.94 6.63
N ILE A 258 20.75 8.60 6.30
CA ILE A 258 20.78 10.04 6.08
C ILE A 258 21.22 10.89 7.27
N TYR A 259 20.61 10.74 8.44
CA TYR A 259 20.94 11.67 9.53
C TYR A 259 22.40 11.46 10.01
N PRO A 260 22.84 10.20 10.22
CA PRO A 260 24.25 10.08 10.64
C PRO A 260 25.24 10.54 9.56
N THR A 261 24.93 10.28 8.30
CA THR A 261 25.80 10.69 7.20
C THR A 261 25.89 12.21 7.04
N LEU A 262 24.74 12.88 7.14
CA LEU A 262 24.77 14.34 7.13
C LEU A 262 25.62 14.89 8.28
N LYS A 263 25.51 14.28 9.43
CA LYS A 263 26.30 14.75 10.56
C LYS A 263 27.81 14.43 10.34
N GLU A 264 28.12 13.34 9.66
CA GLU A 264 29.55 13.10 9.30
C GLU A 264 30.11 14.13 8.33
N ILE A 265 29.29 14.56 7.37
CA ILE A 265 29.70 15.64 6.46
C ILE A 265 30.01 16.89 7.30
N LEU A 266 29.18 17.14 8.30
CA LEU A 266 29.38 18.28 9.19
C LEU A 266 30.66 18.13 10.03
N ARG A 267 30.97 16.91 10.47
CA ARG A 267 32.20 16.68 11.23
C ARG A 267 33.44 17.07 10.42
N HIS A 268 33.39 16.82 9.13
CA HIS A 268 34.46 17.22 8.20
C HIS A 268 34.70 18.74 8.22
N ARG A 269 33.69 19.55 8.59
CA ARG A 269 33.86 21.00 8.74
C ARG A 269 34.35 21.41 10.11
N GLY A 270 34.76 20.45 10.93
CA GLY A 270 35.20 20.71 12.31
C GLY A 270 34.13 20.80 13.36
N ILE A 271 32.92 20.36 13.02
CA ILE A 271 31.80 20.39 13.96
C ILE A 271 31.74 19.16 14.84
N ASP A 272 31.42 19.36 16.11
CA ASP A 272 31.28 18.26 17.05
C ASP A 272 29.94 17.57 16.81
N ALA A 273 29.90 16.76 15.77
CA ALA A 273 28.64 16.21 15.27
C ALA A 273 28.12 14.97 15.99
N GLY A 274 28.88 14.43 16.93
CA GLY A 274 28.41 13.36 17.79
C GLY A 274 27.91 12.08 17.11
N LEU A 275 26.82 11.57 17.67
CA LEU A 275 26.21 10.29 17.27
C LEU A 275 24.71 10.53 17.03
N PRO A 276 24.11 9.68 16.19
CA PRO A 276 22.63 9.65 16.17
C PRO A 276 22.10 9.05 17.47
N LYS A 277 20.83 9.30 17.79
CA LYS A 277 20.23 8.76 18.99
C LYS A 277 19.73 7.35 18.72
N ARG A 278 20.10 6.42 19.60
CA ARG A 278 19.68 5.04 19.45
C ARG A 278 18.15 5.01 19.54
N PRO A 279 17.52 4.13 18.77
CA PRO A 279 18.16 2.98 18.08
C PRO A 279 18.80 3.23 16.71
N PHE A 280 18.84 4.47 16.22
CA PHE A 280 19.60 4.74 15.01
C PHE A 280 21.06 4.33 15.33
N LYS A 281 21.70 3.66 14.39
CA LYS A 281 23.14 3.34 14.53
C LYS A 281 24.04 4.41 13.94
N PRO A 282 25.28 4.53 14.46
CA PRO A 282 26.23 5.46 13.87
C PRO A 282 26.59 5.17 12.43
N PHE A 283 27.10 6.18 11.76
CA PHE A 283 27.63 6.04 10.41
C PHE A 283 28.57 4.84 10.35
N ASN A 284 28.34 3.97 9.37
CA ASN A 284 29.17 2.78 9.19
C ASN A 284 30.43 3.15 8.41
N GLU A 285 31.60 2.89 8.99
CA GLU A 285 32.86 3.29 8.36
C GLU A 285 33.17 2.56 7.03
N ALA A 286 32.47 1.47 6.73
CA ALA A 286 32.51 0.89 5.39
C ALA A 286 32.14 1.89 4.27
N HIS A 287 31.36 2.94 4.60
CA HIS A 287 30.98 3.98 3.64
C HIS A 287 31.94 5.16 3.59
N ARG A 288 32.97 5.16 4.44
CA ARG A 288 33.83 6.35 4.58
C ARG A 288 34.47 6.83 3.28
N GLN A 289 35.04 5.90 2.53
CA GLN A 289 35.72 6.22 1.27
C GLN A 289 34.77 6.90 0.25
N THR A 290 33.62 6.29 0.07
CA THR A 290 32.58 6.82 -0.80
C THR A 290 32.15 8.20 -0.34
N LEU A 291 31.92 8.37 0.96
CA LEU A 291 31.54 9.68 1.46
C LEU A 291 32.61 10.71 1.18
N ASP A 292 33.88 10.37 1.40
CA ASP A 292 34.95 11.34 1.16
C ASP A 292 34.98 11.78 -0.30
N GLN A 293 34.74 10.84 -1.20
CA GLN A 293 34.68 11.16 -2.62
C GLN A 293 33.53 12.10 -2.94
N LEU A 294 32.38 11.88 -2.29
CA LEU A 294 31.25 12.78 -2.45
C LEU A 294 31.57 14.20 -1.96
N ILE A 295 32.17 14.30 -0.78
CA ILE A 295 32.48 15.59 -0.19
C ILE A 295 33.44 16.35 -1.11
N ALA A 296 34.42 15.63 -1.65
CA ALA A 296 35.40 16.18 -2.59
C ALA A 296 34.75 16.64 -3.88
N LYS A 297 33.87 15.80 -4.43
CA LYS A 297 33.28 16.11 -5.72
C LYS A 297 32.41 17.35 -5.66
N TYR A 298 31.67 17.54 -4.57
CA TYR A 298 30.66 18.59 -4.49
C TYR A 298 31.03 19.71 -3.51
N ASP A 299 32.26 19.67 -3.01
CA ASP A 299 32.78 20.69 -2.10
C ASP A 299 31.86 20.87 -0.89
N LEU A 300 31.58 19.78 -0.19
CA LEU A 300 30.70 19.83 0.98
C LEU A 300 31.50 20.03 2.26
N ASP B 11 -24.82 -30.11 -5.74
CA ASP B 11 -24.12 -28.96 -5.10
C ASP B 11 -22.66 -28.98 -5.51
N LEU B 12 -22.03 -27.82 -5.39
CA LEU B 12 -20.68 -27.59 -5.85
C LEU B 12 -19.66 -27.61 -4.73
N LYS B 13 -20.07 -28.04 -3.53
CA LYS B 13 -19.13 -28.24 -2.42
C LYS B 13 -18.02 -29.19 -2.84
N GLY B 14 -16.87 -29.06 -2.21
CA GLY B 14 -15.78 -29.99 -2.48
C GLY B 14 -14.45 -29.31 -2.74
N LEU B 15 -13.50 -30.14 -3.11
CA LEU B 15 -12.13 -29.73 -3.31
C LEU B 15 -11.81 -29.80 -4.77
N TYR B 16 -11.34 -28.67 -5.32
CA TYR B 16 -11.04 -28.54 -6.74
C TYR B 16 -9.58 -28.26 -7.01
N ALA B 17 -9.03 -28.91 -8.04
CA ALA B 17 -7.77 -28.51 -8.63
C ALA B 17 -7.99 -27.29 -9.52
N ALA B 18 -7.26 -26.23 -9.24
CA ALA B 18 -7.14 -25.15 -10.23
C ALA B 18 -6.22 -25.68 -11.32
N LEU B 19 -6.81 -25.98 -12.47
CA LEU B 19 -6.15 -26.78 -13.49
C LEU B 19 -4.99 -26.07 -14.13
N LEU B 20 -3.82 -26.71 -14.06
CA LEU B 20 -2.61 -26.23 -14.68
C LEU B 20 -2.61 -26.65 -16.14
N VAL B 21 -1.88 -25.88 -16.96
CA VAL B 21 -1.84 -26.13 -18.42
C VAL B 21 -0.40 -26.21 -18.91
N PRO B 22 -0.07 -27.28 -19.67
CA PRO B 22 1.25 -27.41 -20.24
C PRO B 22 1.33 -26.80 -21.64
N PHE B 23 2.43 -26.12 -21.94
CA PHE B 23 2.60 -25.45 -23.23
C PHE B 23 3.86 -25.91 -23.98
N ASP B 24 3.86 -25.70 -25.29
CA ASP B 24 5.08 -25.87 -26.10
C ASP B 24 5.88 -24.57 -26.22
N GLU B 25 6.98 -24.61 -26.94
CA GLU B 25 7.84 -23.44 -27.09
C GLU B 25 7.11 -22.20 -27.64
N ASN B 26 6.05 -22.42 -28.42
CA ASN B 26 5.26 -21.31 -29.01
C ASN B 26 4.03 -20.92 -28.20
N GLY B 27 3.96 -21.40 -26.96
CA GLY B 27 2.84 -21.14 -26.11
C GLY B 27 1.53 -21.67 -26.59
N GLN B 28 1.54 -22.77 -27.36
CA GLN B 28 0.32 -23.48 -27.70
C GLN B 28 0.10 -24.58 -26.68
N VAL B 29 -1.17 -24.85 -26.42
CA VAL B 29 -1.58 -25.84 -25.44
C VAL B 29 -1.10 -27.23 -25.88
N ASN B 30 -0.45 -27.96 -24.98
CA ASN B 30 -0.13 -29.39 -25.17
C ASN B 30 -1.30 -30.19 -24.67
N GLU B 31 -2.17 -30.60 -25.60
CA GLU B 31 -3.44 -31.24 -25.26
C GLU B 31 -3.26 -32.60 -24.55
N GLN B 32 -2.17 -33.30 -24.88
CA GLN B 32 -1.91 -34.64 -24.33
C GLN B 32 -1.54 -34.50 -22.85
N GLY B 33 -0.60 -33.60 -22.58
CA GLY B 33 -0.28 -33.18 -21.21
C GLY B 33 -1.49 -32.68 -20.44
N LEU B 34 -2.30 -31.84 -21.08
CA LEU B 34 -3.44 -31.25 -20.38
C LEU B 34 -4.42 -32.31 -19.91
N LYS B 35 -4.73 -33.27 -20.78
CA LYS B 35 -5.59 -34.38 -20.39
C LYS B 35 -4.98 -35.16 -19.21
N GLN B 36 -3.69 -35.41 -19.25
CA GLN B 36 -2.98 -36.11 -18.15
C GLN B 36 -3.06 -35.31 -16.85
N ILE B 37 -2.90 -33.99 -16.94
CA ILE B 37 -3.00 -33.18 -15.72
C ILE B 37 -4.41 -33.25 -15.15
N ALA B 38 -5.41 -33.20 -16.01
CA ALA B 38 -6.80 -33.31 -15.55
C ALA B 38 -7.08 -34.66 -14.89
N GLN B 39 -6.65 -35.72 -15.56
CA GLN B 39 -6.81 -37.07 -15.01
C GLN B 39 -6.06 -37.27 -13.69
N ASN B 40 -4.88 -36.70 -13.58
CA ASN B 40 -4.13 -36.75 -12.35
C ASN B 40 -4.91 -36.13 -11.19
N ALA B 41 -5.51 -34.96 -11.41
CA ALA B 41 -6.30 -34.30 -10.37
C ALA B 41 -7.45 -35.15 -9.84
N ILE B 42 -8.13 -35.85 -10.75
CA ILE B 42 -9.34 -36.56 -10.34
C ILE B 42 -9.00 -37.99 -9.87
N GLU B 43 -8.15 -38.67 -10.64
CA GLU B 43 -7.85 -40.08 -10.38
C GLU B 43 -6.77 -40.28 -9.31
N THR B 44 -5.66 -39.55 -9.42
CA THR B 44 -4.55 -39.69 -8.48
C THR B 44 -4.78 -38.85 -7.21
N GLU B 45 -5.19 -37.59 -7.37
CA GLU B 45 -5.38 -36.71 -6.20
C GLU B 45 -6.77 -36.77 -5.59
N GLU B 46 -7.67 -37.50 -6.25
CA GLU B 46 -8.99 -37.83 -5.71
C GLU B 46 -9.85 -36.60 -5.40
N LEU B 47 -9.71 -35.58 -6.23
CA LEU B 47 -10.41 -34.34 -6.00
C LEU B 47 -11.81 -34.43 -6.57
N ASP B 48 -12.69 -33.53 -6.12
CA ASP B 48 -14.09 -33.51 -6.53
C ASP B 48 -14.33 -32.88 -7.91
N GLY B 49 -13.41 -32.04 -8.35
CA GLY B 49 -13.65 -31.22 -9.51
C GLY B 49 -12.46 -30.42 -10.00
N LEU B 50 -12.68 -29.73 -11.13
CA LEU B 50 -11.69 -28.88 -11.75
C LEU B 50 -12.26 -27.49 -11.84
N TYR B 51 -11.37 -26.52 -11.59
CA TYR B 51 -11.61 -25.08 -11.82
C TYR B 51 -10.73 -24.75 -12.99
N VAL B 52 -11.37 -24.52 -14.13
CA VAL B 52 -10.67 -24.48 -15.41
C VAL B 52 -10.56 -23.04 -15.88
N ASN B 53 -9.40 -22.73 -16.46
CA ASN B 53 -9.05 -21.40 -16.99
C ASN B 53 -9.06 -20.32 -15.89
N GLY B 54 -8.59 -20.71 -14.70
CA GLY B 54 -8.35 -19.72 -13.64
C GLY B 54 -6.96 -19.16 -13.76
N SER B 55 -6.52 -18.43 -12.73
CA SER B 55 -5.17 -17.88 -12.73
C SER B 55 -4.10 -18.94 -12.87
N SER B 56 -4.30 -20.09 -12.19
CA SER B 56 -3.31 -21.18 -12.19
C SER B 56 -3.13 -21.84 -13.55
N GLY B 57 -4.16 -21.73 -14.39
CA GLY B 57 -4.09 -22.23 -15.77
C GLY B 57 -3.45 -21.25 -16.74
N GLU B 58 -2.85 -20.17 -16.22
CA GLU B 58 -2.23 -19.14 -17.04
C GLU B 58 -3.24 -18.52 -18.04
N ASN B 59 -4.50 -18.51 -17.62
CA ASN B 59 -5.65 -18.09 -18.45
C ASN B 59 -5.51 -16.72 -19.06
N PHE B 60 -4.97 -15.78 -18.30
CA PHE B 60 -4.93 -14.41 -18.79
C PHE B 60 -3.85 -14.19 -19.84
N LEU B 61 -3.03 -15.23 -20.07
CA LEU B 61 -2.03 -15.19 -21.14
C LEU B 61 -2.56 -15.81 -22.45
N LEU B 62 -3.78 -16.32 -22.45
CA LEU B 62 -4.29 -17.11 -23.58
C LEU B 62 -5.19 -16.30 -24.48
N ASN B 63 -5.26 -16.67 -25.76
CA ASN B 63 -6.30 -16.09 -26.64
C ASN B 63 -7.61 -16.82 -26.49
N THR B 64 -8.67 -16.31 -27.09
CA THR B 64 -10.02 -16.83 -26.85
C THR B 64 -10.17 -18.28 -27.30
N GLU B 65 -9.50 -18.63 -28.39
CA GLU B 65 -9.65 -19.99 -28.92
C GLU B 65 -8.88 -21.02 -28.08
N GLN B 66 -7.75 -20.59 -27.54
CA GLN B 66 -7.04 -21.40 -26.55
C GLN B 66 -7.86 -21.64 -25.30
N LYS B 67 -8.59 -20.65 -24.82
CA LYS B 67 -9.43 -20.85 -23.64
C LYS B 67 -10.52 -21.86 -23.93
N LYS B 68 -11.11 -21.80 -25.13
CA LYS B 68 -12.09 -22.81 -25.52
C LYS B 68 -11.42 -24.19 -25.64
N GLN B 69 -10.23 -24.25 -26.20
CA GLN B 69 -9.49 -25.51 -26.34
C GLN B 69 -9.33 -26.13 -24.94
N VAL B 70 -8.88 -25.32 -23.99
CA VAL B 70 -8.73 -25.81 -22.60
C VAL B 70 -10.04 -26.30 -21.98
N PHE B 71 -11.14 -25.56 -22.15
CA PHE B 71 -12.42 -25.94 -21.62
C PHE B 71 -12.88 -27.27 -22.18
N LYS B 72 -12.66 -27.45 -23.48
CA LYS B 72 -13.09 -28.67 -24.16
C LYS B 72 -12.27 -29.88 -23.74
N VAL B 73 -10.94 -29.72 -23.76
CA VAL B 73 -10.03 -30.83 -23.45
C VAL B 73 -10.22 -31.24 -22.01
N ALA B 74 -10.33 -30.28 -21.10
CA ALA B 74 -10.61 -30.60 -19.70
C ALA B 74 -11.90 -31.41 -19.54
N LYS B 75 -12.98 -30.96 -20.17
CA LYS B 75 -14.29 -31.59 -19.99
C LYS B 75 -14.28 -33.04 -20.56
N GLU B 76 -13.60 -33.21 -21.68
CA GLU B 76 -13.45 -34.53 -22.30
C GLU B 76 -12.49 -35.48 -21.55
N ALA B 77 -11.65 -34.95 -20.66
CA ALA B 77 -10.68 -35.79 -19.96
C ALA B 77 -11.24 -36.49 -18.74
N VAL B 78 -12.41 -36.05 -18.27
CA VAL B 78 -12.97 -36.48 -16.98
C VAL B 78 -14.39 -37.00 -17.13
N GLY B 79 -14.80 -37.80 -16.16
CA GLY B 79 -16.13 -38.42 -16.17
C GLY B 79 -17.23 -37.46 -15.76
N ASP B 80 -18.47 -37.90 -15.86
CA ASP B 80 -19.62 -37.01 -15.65
C ASP B 80 -19.96 -36.75 -14.18
N LYS B 81 -19.35 -37.49 -13.25
CA LYS B 81 -19.49 -37.22 -11.82
C LYS B 81 -18.65 -36.01 -11.38
N VAL B 82 -17.67 -35.65 -12.20
CA VAL B 82 -16.67 -34.67 -11.83
C VAL B 82 -17.25 -33.28 -11.97
N LYS B 83 -17.16 -32.49 -10.90
CA LYS B 83 -17.69 -31.12 -10.90
C LYS B 83 -16.74 -30.20 -11.71
N LEU B 84 -17.33 -29.30 -12.48
CA LEU B 84 -16.54 -28.44 -13.35
C LEU B 84 -17.00 -27.00 -13.23
N ILE B 85 -16.06 -26.13 -12.86
CA ILE B 85 -16.32 -24.69 -12.83
C ILE B 85 -15.45 -24.00 -13.85
N ALA B 86 -16.07 -23.11 -14.64
CA ALA B 86 -15.38 -22.43 -15.74
C ALA B 86 -15.14 -20.99 -15.40
N GLN B 87 -13.87 -20.61 -15.24
CA GLN B 87 -13.51 -19.19 -15.06
C GLN B 87 -13.49 -18.55 -16.43
N VAL B 88 -14.39 -17.59 -16.64
CA VAL B 88 -14.54 -16.90 -17.94
C VAL B 88 -14.35 -15.37 -17.87
N GLY B 89 -13.99 -14.89 -16.68
CA GLY B 89 -13.65 -13.50 -16.49
C GLY B 89 -12.55 -13.05 -17.41
N SER B 90 -12.77 -11.87 -17.96
CA SER B 90 -11.91 -11.24 -18.94
C SER B 90 -12.23 -9.77 -18.83
N LEU B 91 -11.25 -8.92 -19.13
CA LEU B 91 -11.51 -7.48 -19.17
C LEU B 91 -12.43 -7.18 -20.37
N ASP B 92 -12.43 -8.08 -21.36
CA ASP B 92 -13.34 -7.99 -22.50
C ASP B 92 -14.64 -8.71 -22.14
N LEU B 93 -15.68 -7.93 -21.86
CA LEU B 93 -16.95 -8.48 -21.45
C LEU B 93 -17.58 -9.32 -22.56
N ASN B 94 -17.40 -8.92 -23.82
CA ASN B 94 -17.92 -9.73 -24.93
C ASN B 94 -17.25 -11.09 -24.98
N GLU B 95 -15.94 -11.13 -24.71
CA GLU B 95 -15.24 -12.41 -24.58
C GLU B 95 -15.76 -13.22 -23.40
N ALA B 96 -15.96 -12.58 -22.24
CA ALA B 96 -16.46 -13.34 -21.07
C ALA B 96 -17.79 -14.01 -21.38
N ILE B 97 -18.67 -13.27 -22.06
CA ILE B 97 -19.99 -13.77 -22.40
C ILE B 97 -19.88 -14.91 -23.41
N GLU B 98 -19.06 -14.71 -24.44
CA GLU B 98 -18.75 -15.76 -25.43
C GLU B 98 -18.28 -17.03 -24.73
N LEU B 99 -17.28 -16.88 -23.86
CA LEU B 99 -16.72 -18.02 -23.13
C LEU B 99 -17.74 -18.65 -22.17
N GLY B 100 -18.51 -17.81 -21.51
CA GLY B 100 -19.62 -18.25 -20.65
C GLY B 100 -20.60 -19.14 -21.40
N LYS B 101 -20.99 -18.72 -22.59
CA LYS B 101 -21.94 -19.51 -23.39
C LYS B 101 -21.34 -20.83 -23.83
N TYR B 102 -20.09 -20.79 -24.26
CA TYR B 102 -19.42 -21.99 -24.74
C TYR B 102 -19.23 -23.03 -23.63
N ALA B 103 -18.69 -22.60 -22.48
CA ALA B 103 -18.51 -23.49 -21.37
C ALA B 103 -19.85 -24.00 -20.84
N THR B 104 -20.89 -23.18 -20.88
CA THR B 104 -22.20 -23.58 -20.44
C THR B 104 -22.77 -24.64 -21.39
N GLU B 105 -22.53 -24.47 -22.68
CA GLU B 105 -22.96 -25.44 -23.70
C GLU B 105 -22.19 -26.76 -23.56
N LEU B 106 -20.91 -26.70 -23.19
CA LEU B 106 -20.12 -27.91 -22.88
C LEU B 106 -20.60 -28.67 -21.63
N GLY B 107 -21.43 -28.04 -20.81
CA GLY B 107 -22.00 -28.68 -19.63
C GLY B 107 -21.27 -28.37 -18.33
N TYR B 108 -20.44 -27.31 -18.32
CA TYR B 108 -19.79 -26.89 -17.06
C TYR B 108 -20.87 -26.53 -16.06
N ASP B 109 -20.66 -26.87 -14.79
CA ASP B 109 -21.71 -26.77 -13.75
C ASP B 109 -21.98 -25.36 -13.25
N ALA B 110 -20.96 -24.52 -13.34
CA ALA B 110 -21.09 -23.11 -12.97
C ALA B 110 -19.99 -22.32 -13.65
N LEU B 111 -20.20 -21.01 -13.73
CA LEU B 111 -19.20 -20.11 -14.23
C LEU B 111 -18.60 -19.35 -13.06
N SER B 112 -17.43 -18.79 -13.32
CA SER B 112 -16.78 -17.94 -12.36
C SER B 112 -16.15 -16.80 -13.11
N ALA B 113 -16.00 -15.65 -12.45
CA ALA B 113 -15.30 -14.55 -13.11
C ALA B 113 -14.54 -13.69 -12.13
N VAL B 114 -13.26 -13.47 -12.42
CA VAL B 114 -12.44 -12.54 -11.65
C VAL B 114 -13.07 -11.13 -11.72
N THR B 115 -12.90 -10.36 -10.65
CA THR B 115 -13.35 -8.98 -10.62
C THR B 115 -12.51 -8.23 -11.67
N PRO B 116 -13.16 -7.43 -12.52
CA PRO B 116 -12.40 -6.66 -13.51
C PRO B 116 -11.31 -5.82 -12.85
N PHE B 117 -10.16 -5.82 -13.50
CA PHE B 117 -8.95 -5.27 -12.93
C PHE B 117 -8.31 -4.30 -13.94
N TYR B 118 -7.07 -3.89 -13.63
CA TYR B 118 -6.31 -2.93 -14.42
C TYR B 118 -6.93 -1.53 -14.29
N TYR B 119 -8.06 -1.29 -14.95
CA TYR B 119 -8.73 0.01 -14.81
C TYR B 119 -9.37 0.13 -13.43
N PRO B 120 -9.49 1.35 -12.90
CA PRO B 120 -10.21 1.61 -11.65
C PRO B 120 -11.70 1.66 -11.84
N PHE B 121 -12.29 0.51 -12.18
CA PHE B 121 -13.73 0.40 -12.30
C PHE B 121 -14.38 0.71 -10.98
N THR B 122 -15.56 1.31 -11.04
CA THR B 122 -16.37 1.50 -9.84
C THR B 122 -17.07 0.22 -9.44
N PHE B 123 -17.58 0.15 -8.21
CA PHE B 123 -18.32 -1.02 -7.82
C PHE B 123 -19.52 -1.29 -8.73
N GLU B 124 -20.21 -0.24 -9.13
CA GLU B 124 -21.41 -0.39 -9.98
C GLU B 124 -21.03 -1.04 -11.33
N GLU B 125 -19.89 -0.63 -11.88
CA GLU B 125 -19.36 -1.20 -13.11
C GLU B 125 -19.02 -2.69 -12.95
N ILE B 126 -18.43 -3.02 -11.81
CA ILE B 126 -18.11 -4.39 -11.48
C ILE B 126 -19.37 -5.25 -11.29
N ARG B 127 -20.33 -4.74 -10.53
CA ARG B 127 -21.61 -5.43 -10.32
C ARG B 127 -22.27 -5.75 -11.65
N ASP B 128 -22.37 -4.75 -12.52
CA ASP B 128 -23.08 -4.97 -13.77
C ASP B 128 -22.30 -5.82 -14.77
N TYR B 129 -20.98 -5.90 -14.63
CA TYR B 129 -20.22 -6.91 -15.37
C TYR B 129 -20.72 -8.30 -15.00
N TYR B 130 -20.84 -8.59 -13.70
CA TYR B 130 -21.38 -9.89 -13.27
C TYR B 130 -22.81 -10.06 -13.77
N PHE B 131 -23.66 -9.07 -13.53
CA PHE B 131 -25.10 -9.19 -13.92
C PHE B 131 -25.26 -9.40 -15.43
N ASP B 132 -24.43 -8.73 -16.23
CA ASP B 132 -24.39 -8.91 -17.69
C ASP B 132 -23.94 -10.29 -18.18
N ILE B 133 -22.94 -10.89 -17.54
CA ILE B 133 -22.54 -12.26 -17.91
C ILE B 133 -23.68 -13.23 -17.59
N ILE B 134 -24.34 -13.05 -16.46
CA ILE B 134 -25.42 -13.94 -16.04
C ILE B 134 -26.59 -13.83 -17.04
N GLU B 135 -27.03 -12.60 -17.30
CA GLU B 135 -28.13 -12.33 -18.24
C GLU B 135 -27.94 -13.08 -19.56
N ALA B 136 -26.74 -13.02 -20.12
CA ALA B 136 -26.43 -13.62 -21.42
C ALA B 136 -26.20 -15.14 -21.40
N THR B 137 -25.82 -15.71 -20.27
CA THR B 137 -25.51 -17.15 -20.21
C THR B 137 -26.55 -17.98 -19.47
N GLN B 138 -27.28 -17.35 -18.55
CA GLN B 138 -28.22 -18.01 -17.66
C GLN B 138 -27.63 -19.15 -16.82
N ASN B 139 -26.31 -19.20 -16.66
CA ASN B 139 -25.67 -20.19 -15.79
C ASN B 139 -25.39 -19.54 -14.44
N ASN B 140 -25.11 -20.36 -13.44
CA ASN B 140 -24.76 -19.87 -12.11
C ASN B 140 -23.33 -19.31 -12.12
N MET B 141 -23.12 -18.33 -11.25
CA MET B 141 -21.91 -17.54 -11.24
C MET B 141 -21.26 -17.53 -9.85
N ILE B 142 -19.95 -17.75 -9.83
CA ILE B 142 -19.15 -17.68 -8.65
C ILE B 142 -18.18 -16.50 -8.78
N ILE B 143 -18.34 -15.51 -7.90
CA ILE B 143 -17.43 -14.35 -7.86
C ILE B 143 -16.02 -14.85 -7.55
N TYR B 144 -15.02 -14.41 -8.30
CA TYR B 144 -13.63 -14.75 -7.99
C TYR B 144 -12.92 -13.49 -7.47
N ALA B 145 -12.71 -13.46 -6.15
CA ALA B 145 -12.09 -12.35 -5.44
C ALA B 145 -10.64 -12.68 -5.12
N ILE B 146 -9.72 -11.88 -5.64
CA ILE B 146 -8.29 -12.11 -5.46
C ILE B 146 -7.59 -10.74 -5.39
N PRO B 147 -7.82 -10.02 -4.27
CA PRO B 147 -7.37 -8.62 -4.11
C PRO B 147 -5.88 -8.45 -4.24
N ASP B 148 -5.10 -9.46 -3.86
CA ASP B 148 -3.63 -9.36 -3.95
C ASP B 148 -3.13 -9.24 -5.39
N LEU B 149 -3.89 -9.75 -6.37
CA LEU B 149 -3.54 -9.57 -7.77
C LEU B 149 -4.30 -8.42 -8.41
N THR B 150 -5.56 -8.22 -8.04
CA THR B 150 -6.39 -7.24 -8.75
C THR B 150 -6.37 -5.85 -8.15
N GLY B 151 -6.01 -5.76 -6.86
CA GLY B 151 -6.20 -4.51 -6.12
C GLY B 151 -7.66 -4.16 -5.89
N VAL B 152 -8.58 -5.10 -6.10
CA VAL B 152 -9.99 -4.84 -5.90
C VAL B 152 -10.47 -5.47 -4.60
N ASN B 153 -11.02 -4.64 -3.73
CA ASN B 153 -11.59 -5.10 -2.49
C ASN B 153 -13.11 -5.00 -2.54
N ILE B 154 -13.78 -6.10 -2.21
CA ILE B 154 -15.23 -6.11 -2.13
C ILE B 154 -15.62 -6.10 -0.66
N SER B 155 -16.42 -5.12 -0.27
CA SER B 155 -16.90 -4.99 1.11
C SER B 155 -18.06 -5.94 1.35
N ILE B 156 -18.37 -6.16 2.63
CA ILE B 156 -19.52 -6.94 3.00
C ILE B 156 -20.82 -6.36 2.41
N GLU B 157 -20.92 -5.04 2.31
CA GLU B 157 -22.14 -4.41 1.81
C GLU B 157 -22.25 -4.64 0.30
N GLN B 158 -21.12 -4.66 -0.36
CA GLN B 158 -21.03 -4.94 -1.78
C GLN B 158 -21.33 -6.42 -2.09
N PHE B 159 -20.77 -7.33 -1.29
CA PHE B 159 -21.18 -8.74 -1.39
C PHE B 159 -22.69 -8.91 -1.24
N SER B 160 -23.30 -8.20 -0.29
CA SER B 160 -24.76 -8.30 -0.11
C SER B 160 -25.51 -7.95 -1.37
N GLU B 161 -25.04 -6.92 -2.07
CA GLU B 161 -25.67 -6.48 -3.30
C GLU B 161 -25.53 -7.53 -4.41
N LEU B 162 -24.34 -8.12 -4.51
CA LEU B 162 -24.11 -9.18 -5.50
C LEU B 162 -24.93 -10.42 -5.17
N PHE B 163 -24.92 -10.80 -3.89
CA PHE B 163 -25.58 -12.04 -3.45
C PHE B 163 -27.11 -11.99 -3.45
N ASN B 164 -27.67 -10.78 -3.55
CA ASN B 164 -29.10 -10.61 -3.80
C ASN B 164 -29.53 -11.16 -5.16
N HIS B 165 -28.58 -11.32 -6.08
CA HIS B 165 -28.85 -11.98 -7.35
C HIS B 165 -28.86 -13.49 -7.11
N GLU B 166 -29.92 -14.15 -7.55
CA GLU B 166 -30.10 -15.58 -7.26
C GLU B 166 -29.15 -16.51 -7.99
N LYS B 167 -28.60 -16.06 -9.12
CA LYS B 167 -27.60 -16.82 -9.84
C LYS B 167 -26.14 -16.52 -9.45
N ILE B 168 -25.95 -15.58 -8.53
CA ILE B 168 -24.63 -15.42 -7.90
C ILE B 168 -24.63 -16.30 -6.66
N VAL B 169 -24.15 -17.51 -6.87
CA VAL B 169 -24.37 -18.60 -5.92
C VAL B 169 -23.26 -18.66 -4.87
N GLY B 170 -22.19 -17.90 -5.08
CA GLY B 170 -21.04 -18.05 -4.22
C GLY B 170 -19.82 -17.25 -4.63
N VAL B 171 -18.72 -17.53 -3.93
CA VAL B 171 -17.45 -16.81 -4.13
C VAL B 171 -16.26 -17.73 -3.90
N KPI B 172 -15.25 -17.60 -4.76
CA KPI B 172 -13.91 -18.18 -4.60
CB KPI B 172 -13.22 -18.46 -5.95
CG KPI B 172 -11.91 -19.20 -5.76
CD KPI B 172 -11.08 -19.12 -7.04
CE KPI B 172 -9.77 -19.84 -6.84
NZ KPI B 172 -9.00 -19.69 -8.05
CX1 KPI B 172 -7.75 -20.14 -8.26
C1 KPI B 172 -6.91 -20.84 -7.16
CX2 KPI B 172 -7.14 -19.95 -9.64
O1 KPI B 172 -5.94 -20.35 -9.91
O2 KPI B 172 -7.83 -19.31 -10.54
C KPI B 172 -13.14 -17.08 -3.91
O KPI B 172 -12.81 -16.06 -4.55
N TYR B 173 -12.86 -17.28 -2.63
CA TYR B 173 -12.33 -16.22 -1.78
C TYR B 173 -10.84 -16.45 -1.63
N THR B 174 -10.05 -15.70 -2.37
CA THR B 174 -8.59 -15.84 -2.35
C THR B 174 -8.05 -14.58 -1.71
N ALA B 175 -8.24 -14.45 -0.41
CA ALA B 175 -7.80 -13.27 0.35
C ALA B 175 -7.43 -13.71 1.75
N PRO B 176 -6.52 -12.97 2.41
CA PRO B 176 -6.05 -13.41 3.75
C PRO B 176 -6.91 -12.97 4.96
N ASN B 177 -7.95 -12.18 4.72
CA ASN B 177 -8.73 -11.57 5.80
C ASN B 177 -9.82 -12.50 6.36
N PHE B 178 -9.54 -13.12 7.50
CA PHE B 178 -10.51 -13.97 8.18
C PHE B 178 -11.63 -13.29 8.94
N PHE B 179 -11.48 -12.00 9.21
CA PHE B 179 -12.58 -11.21 9.74
C PHE B 179 -13.66 -11.10 8.67
N LEU B 180 -13.27 -10.67 7.48
CA LEU B 180 -14.20 -10.56 6.34
C LEU B 180 -14.80 -11.93 5.99
N LEU B 181 -13.98 -12.96 5.96
CA LEU B 181 -14.50 -14.29 5.65
C LEU B 181 -15.61 -14.72 6.60
N GLU B 182 -15.38 -14.50 7.90
CA GLU B 182 -16.35 -14.86 8.90
C GLU B 182 -17.64 -14.06 8.75
N ARG B 183 -17.50 -12.77 8.43
CA ARG B 183 -18.64 -11.87 8.20
C ARG B 183 -19.46 -12.33 7.02
N ILE B 184 -18.76 -12.73 5.95
CA ILE B 184 -19.40 -13.28 4.75
C ILE B 184 -20.13 -14.59 5.09
N ARG B 185 -19.44 -15.48 5.81
CA ARG B 185 -20.06 -16.75 6.19
C ARG B 185 -21.32 -16.55 7.03
N LYS B 186 -21.27 -15.63 7.97
CA LYS B 186 -22.42 -15.37 8.82
C LYS B 186 -23.56 -14.71 8.04
N ALA B 187 -23.24 -13.69 7.25
CA ALA B 187 -24.24 -12.94 6.50
C ALA B 187 -24.92 -13.76 5.43
N PHE B 188 -24.22 -14.72 4.83
CA PHE B 188 -24.73 -15.48 3.68
C PHE B 188 -24.60 -16.99 3.88
N PRO B 189 -25.39 -17.55 4.82
CA PRO B 189 -25.25 -18.98 5.13
C PRO B 189 -25.69 -19.89 3.98
N ASP B 190 -26.51 -19.36 3.08
CA ASP B 190 -27.01 -20.10 1.92
C ASP B 190 -26.06 -20.12 0.72
N LYS B 191 -24.98 -19.34 0.73
CA LYS B 191 -24.10 -19.20 -0.44
C LYS B 191 -22.87 -20.08 -0.33
N LEU B 192 -22.28 -20.39 -1.48
CA LEU B 192 -21.15 -21.25 -1.57
C LEU B 192 -19.90 -20.42 -1.34
N ILE B 193 -19.06 -20.82 -0.38
CA ILE B 193 -17.76 -20.16 -0.18
C ILE B 193 -16.66 -21.20 -0.41
N LEU B 194 -15.86 -20.99 -1.44
CA LEU B 194 -14.75 -21.88 -1.73
C LEU B 194 -13.46 -21.08 -1.50
N SER B 195 -12.61 -21.57 -0.64
CA SER B 195 -11.39 -20.84 -0.30
CA SER B 195 -11.38 -20.87 -0.27
C SER B 195 -10.32 -21.07 -1.34
N GLY B 196 -9.60 -19.99 -1.67
CA GLY B 196 -8.51 -20.06 -2.65
C GLY B 196 -7.09 -19.98 -2.10
OAK P9S B 197 -2.39 -14.08 -0.61
CAI P9S B 197 -2.11 -15.38 -1.11
CAH P9S B 197 -3.52 -16.01 -1.18
OAJ P9S B 197 -3.45 -17.25 -1.89
CAG P9S B 197 -4.00 -16.28 0.21
SAF P9S B 197 -5.69 -17.00 0.10
CB P9S B 197 -5.39 -18.63 0.87
CA P9S B 197 -5.55 -19.69 -0.24
N P9S B 197 -6.92 -19.71 -0.81
C P9S B 197 -5.15 -21.06 0.33
O P9S B 197 -5.50 -21.38 1.46
N ASP B 198 -4.39 -21.85 -0.43
CA ASP B 198 -4.08 -23.22 -0.04
C ASP B 198 -3.37 -23.24 1.33
N GLU B 199 -2.54 -22.24 1.58
CA GLU B 199 -1.72 -22.20 2.79
C GLU B 199 -2.54 -21.87 4.04
N MET B 200 -3.83 -21.55 3.87
CA MET B 200 -4.70 -21.29 5.01
C MET B 200 -5.95 -22.17 4.98
N LEU B 201 -5.84 -23.34 4.39
CA LEU B 201 -6.99 -24.23 4.24
C LEU B 201 -7.57 -24.63 5.61
N VAL B 202 -6.73 -24.99 6.57
CA VAL B 202 -7.29 -25.41 7.87
C VAL B 202 -8.09 -24.29 8.58
N GLN B 203 -7.58 -23.06 8.54
CA GLN B 203 -8.30 -21.91 9.09
C GLN B 203 -9.60 -21.61 8.35
N ALA B 204 -9.57 -21.72 7.03
CA ALA B 204 -10.77 -21.53 6.23
C ALA B 204 -11.82 -22.60 6.54
N THR B 205 -11.35 -23.85 6.66
CA THR B 205 -12.24 -24.97 6.96
C THR B 205 -13.00 -24.73 8.26
N ILE B 206 -12.31 -24.34 9.32
CA ILE B 206 -12.99 -24.12 10.58
C ILE B 206 -13.83 -22.85 10.57
N SER B 207 -13.58 -21.99 9.58
CA SER B 207 -14.39 -20.81 9.30
C SER B 207 -15.62 -21.10 8.43
N GLY B 208 -15.86 -22.38 8.15
CA GLY B 208 -17.11 -22.79 7.57
C GLY B 208 -17.19 -22.73 6.05
N VAL B 209 -16.05 -22.69 5.36
CA VAL B 209 -16.11 -22.77 3.90
C VAL B 209 -16.61 -24.13 3.41
N ASP B 210 -17.21 -24.09 2.22
CA ASP B 210 -17.87 -25.25 1.62
C ASP B 210 -16.93 -26.13 0.85
N GLY B 211 -15.72 -25.67 0.67
CA GLY B 211 -14.69 -26.39 -0.03
C GLY B 211 -13.57 -25.44 -0.39
N ALA B 212 -12.79 -25.82 -1.37
CA ALA B 212 -11.61 -25.03 -1.73
C ALA B 212 -11.17 -25.32 -3.15
N ILE B 213 -10.50 -24.33 -3.73
CA ILE B 213 -9.92 -24.40 -5.05
C ILE B 213 -8.45 -24.00 -4.92
N GLY B 214 -7.54 -24.77 -5.50
CA GLY B 214 -6.11 -24.45 -5.37
C GLY B 214 -5.22 -25.09 -6.40
N SER B 215 -4.18 -24.37 -6.78
CA SER B 215 -3.20 -24.90 -7.70
C SER B 215 -2.43 -26.06 -7.08
N THR B 216 -2.15 -25.99 -5.78
CA THR B 216 -1.27 -27.02 -5.18
C THR B 216 -2.00 -28.35 -4.98
N TYR B 217 -3.33 -28.36 -5.08
CA TYR B 217 -4.09 -29.62 -4.97
C TYR B 217 -3.87 -30.55 -6.16
N ASN B 218 -3.30 -30.02 -7.24
CA ASN B 218 -2.78 -30.86 -8.34
C ASN B 218 -1.74 -31.85 -7.88
N VAL B 219 -0.94 -31.49 -6.87
CA VAL B 219 0.09 -32.40 -6.36
C VAL B 219 -0.16 -32.83 -4.90
N ASN B 220 -1.07 -32.17 -4.20
CA ASN B 220 -1.20 -32.36 -2.74
C ASN B 220 -2.64 -32.47 -2.29
N GLY B 221 -3.52 -32.91 -3.19
CA GLY B 221 -4.94 -32.92 -2.94
C GLY B 221 -5.36 -33.98 -1.92
N ARG B 222 -4.56 -35.04 -1.80
CA ARG B 222 -4.84 -36.03 -0.76
C ARG B 222 -4.67 -35.48 0.66
N ARG B 223 -3.54 -34.82 0.93
CA ARG B 223 -3.39 -34.11 2.21
C ARG B 223 -4.45 -33.05 2.44
N ALA B 224 -4.78 -32.31 1.39
CA ALA B 224 -5.76 -31.25 1.50
C ALA B 224 -7.10 -31.80 1.94
N ARG B 225 -7.49 -32.94 1.39
CA ARG B 225 -8.73 -33.58 1.79
C ARG B 225 -8.69 -34.02 3.24
N LYS B 226 -7.56 -34.56 3.70
CA LYS B 226 -7.44 -34.94 5.11
C LYS B 226 -7.53 -33.70 6.00
N ILE B 227 -6.88 -32.62 5.61
CA ILE B 227 -7.00 -31.40 6.40
C ILE B 227 -8.46 -30.99 6.55
N PHE B 228 -9.17 -30.95 5.43
CA PHE B 228 -10.56 -30.50 5.39
C PHE B 228 -11.45 -31.39 6.25
N ASP B 229 -11.31 -32.70 6.08
CA ASP B 229 -12.14 -33.65 6.81
C ASP B 229 -11.80 -33.69 8.32
N LEU B 230 -10.52 -33.80 8.65
CA LEU B 230 -10.09 -33.84 10.04
C LEU B 230 -10.51 -32.57 10.80
N ALA B 231 -10.28 -31.40 10.20
CA ALA B 231 -10.69 -30.15 10.83
C ALA B 231 -12.18 -30.12 11.10
N ARG B 232 -12.97 -30.63 10.16
CA ARG B 232 -14.42 -30.63 10.32
C ARG B 232 -14.90 -31.64 11.37
N GLN B 233 -14.09 -32.67 11.63
CA GLN B 233 -14.35 -33.62 12.71
C GLN B 233 -13.92 -33.13 14.09
N GLY B 234 -13.18 -32.03 14.14
CA GLY B 234 -12.63 -31.50 15.39
C GLY B 234 -11.27 -32.07 15.74
N GLN B 235 -10.70 -32.84 14.82
CA GLN B 235 -9.35 -33.35 14.96
C GLN B 235 -8.34 -32.26 14.54
N ILE B 236 -8.28 -31.22 15.35
CA ILE B 236 -7.63 -29.97 14.98
C ILE B 236 -6.13 -30.12 14.91
N GLN B 237 -5.57 -30.79 15.91
CA GLN B 237 -4.15 -30.99 15.97
C GLN B 237 -3.58 -31.80 14.79
N GLU B 238 -4.27 -32.87 14.37
CA GLU B 238 -3.77 -33.65 13.23
C GLU B 238 -3.94 -32.83 11.94
N ALA B 239 -5.06 -32.14 11.84
CA ALA B 239 -5.35 -31.31 10.66
C ALA B 239 -4.24 -30.26 10.51
N TYR B 240 -3.90 -29.62 11.62
CA TYR B 240 -2.87 -28.56 11.60
C TYR B 240 -1.47 -29.10 11.27
N GLN B 241 -1.16 -30.29 11.78
CA GLN B 241 0.08 -30.94 11.40
C GLN B 241 0.18 -31.13 9.89
N LEU B 242 -0.93 -31.53 9.26
CA LEU B 242 -0.96 -31.71 7.82
C LEU B 242 -0.88 -30.35 7.11
N GLN B 243 -1.43 -29.31 7.73
CA GLN B 243 -1.22 -27.94 7.20
C GLN B 243 0.27 -27.56 7.25
N HIS B 244 0.98 -27.95 8.31
CA HIS B 244 2.42 -27.71 8.37
C HIS B 244 3.14 -28.35 7.19
N ASP B 245 2.80 -29.60 6.89
CA ASP B 245 3.44 -30.31 5.79
C ASP B 245 3.13 -29.62 4.46
N SER B 246 1.86 -29.29 4.30
CA SER B 246 1.39 -28.62 3.12
C SER B 246 2.09 -27.28 2.94
N ASN B 247 2.28 -26.56 4.04
CA ASN B 247 2.90 -25.24 3.95
C ASN B 247 4.41 -25.29 3.72
N ASP B 248 5.06 -26.38 4.11
CA ASP B 248 6.44 -26.61 3.64
C ASP B 248 6.43 -26.71 2.12
N ILE B 249 5.49 -27.48 1.57
CA ILE B 249 5.40 -27.64 0.11
C ILE B 249 5.12 -26.31 -0.58
N ILE B 250 4.17 -25.56 -0.06
CA ILE B 250 3.74 -24.30 -0.65
C ILE B 250 4.87 -23.25 -0.56
N GLU B 251 5.48 -23.11 0.60
CA GLU B 251 6.65 -22.22 0.72
C GLU B 251 7.72 -22.56 -0.28
N THR B 252 8.04 -23.85 -0.40
CA THR B 252 9.07 -24.27 -1.34
C THR B 252 8.71 -23.96 -2.79
N VAL B 253 7.50 -24.32 -3.23
CA VAL B 253 7.17 -24.08 -4.65
C VAL B 253 7.03 -22.60 -4.96
N LEU B 254 6.52 -21.82 -4.01
CA LEU B 254 6.48 -20.38 -4.16
C LEU B 254 7.86 -19.80 -4.38
N SER B 255 8.84 -20.25 -3.61
CA SER B 255 10.20 -19.73 -3.76
C SER B 255 10.88 -20.13 -5.08
N MET B 256 10.36 -21.14 -5.76
CA MET B 256 10.96 -21.61 -7.01
C MET B 256 10.22 -21.13 -8.25
N GLY B 257 9.05 -20.54 -8.07
CA GLY B 257 8.17 -20.18 -9.20
C GLY B 257 7.07 -21.21 -9.24
N ILE B 258 5.91 -20.86 -8.66
CA ILE B 258 4.86 -21.85 -8.36
C ILE B 258 4.33 -22.66 -9.56
N TYR B 259 3.84 -22.02 -10.62
CA TYR B 259 3.20 -22.83 -11.69
C TYR B 259 4.21 -23.76 -12.40
N PRO B 260 5.39 -23.23 -12.76
CA PRO B 260 6.36 -24.13 -13.41
C PRO B 260 6.83 -25.24 -12.47
N THR B 261 6.93 -24.93 -11.19
CA THR B 261 7.41 -25.91 -10.22
C THR B 261 6.40 -27.03 -9.98
N LEU B 262 5.12 -26.68 -9.85
CA LEU B 262 4.07 -27.66 -9.73
C LEU B 262 4.06 -28.57 -10.95
N LYS B 263 4.22 -28.00 -12.14
CA LYS B 263 4.29 -28.84 -13.35
C LYS B 263 5.56 -29.72 -13.39
N GLU B 264 6.69 -29.26 -12.84
CA GLU B 264 7.87 -30.14 -12.73
C GLU B 264 7.62 -31.30 -11.78
N ILE B 265 6.83 -31.06 -10.74
CA ILE B 265 6.40 -32.13 -9.84
C ILE B 265 5.55 -33.14 -10.60
N LEU B 266 4.60 -32.67 -11.42
CA LEU B 266 3.77 -33.57 -12.22
C LEU B 266 4.61 -34.31 -13.26
N ARG B 267 5.63 -33.66 -13.80
CA ARG B 267 6.54 -34.34 -14.73
C ARG B 267 7.24 -35.53 -14.06
N HIS B 268 7.61 -35.37 -12.78
CA HIS B 268 8.18 -36.49 -12.01
C HIS B 268 7.31 -37.74 -12.05
N ARG B 269 5.99 -37.55 -12.07
CA ARG B 269 5.02 -38.65 -12.15
C ARG B 269 4.85 -39.21 -13.57
N GLY B 270 5.64 -38.74 -14.53
CA GLY B 270 5.54 -39.20 -15.91
C GLY B 270 4.57 -38.42 -16.78
N ILE B 271 4.14 -37.26 -16.31
CA ILE B 271 3.20 -36.43 -17.07
C ILE B 271 3.97 -35.50 -18.02
N ASP B 272 3.40 -35.29 -19.21
CA ASP B 272 4.00 -34.40 -20.21
C ASP B 272 3.66 -32.95 -19.85
N ALA B 273 4.36 -32.41 -18.88
CA ALA B 273 3.96 -31.14 -18.26
C ALA B 273 4.44 -29.90 -19.01
N GLY B 274 5.24 -30.11 -20.06
CA GLY B 274 5.58 -29.04 -20.99
C GLY B 274 6.31 -27.87 -20.34
N LEU B 275 5.99 -26.67 -20.82
CA LEU B 275 6.58 -25.44 -20.35
C LEU B 275 5.48 -24.49 -19.88
N PRO B 276 5.87 -23.45 -19.14
CA PRO B 276 4.92 -22.35 -18.96
C PRO B 276 4.79 -21.54 -20.25
N LYS B 277 3.72 -20.75 -20.35
CA LYS B 277 3.55 -19.81 -21.44
C LYS B 277 4.33 -18.54 -21.17
N ARG B 278 5.21 -18.17 -22.10
CA ARG B 278 5.96 -16.93 -21.98
C ARG B 278 4.93 -15.80 -21.88
N PRO B 279 5.22 -14.76 -21.08
CA PRO B 279 6.53 -14.46 -20.52
C PRO B 279 6.92 -15.18 -19.20
N PHE B 280 6.12 -16.11 -18.71
CA PHE B 280 6.63 -16.98 -17.64
C PHE B 280 7.83 -17.74 -18.19
N LYS B 281 8.89 -17.79 -17.39
CA LYS B 281 10.08 -18.56 -17.74
C LYS B 281 9.96 -19.99 -17.23
N PRO B 282 10.69 -20.93 -17.84
CA PRO B 282 10.68 -22.30 -17.33
C PRO B 282 11.31 -22.43 -15.95
N PHE B 283 11.01 -23.56 -15.32
CA PHE B 283 11.65 -23.92 -14.07
C PHE B 283 13.15 -23.81 -14.21
N ASN B 284 13.78 -23.08 -13.30
CA ASN B 284 15.23 -22.94 -13.26
C ASN B 284 15.86 -24.16 -12.60
N GLU B 285 16.78 -24.81 -13.31
CA GLU B 285 17.42 -26.03 -12.82
C GLU B 285 18.27 -25.83 -11.57
N ALA B 286 18.69 -24.60 -11.28
CA ALA B 286 19.33 -24.30 -9.98
C ALA B 286 18.54 -24.84 -8.78
N HIS B 287 17.21 -24.96 -8.93
CA HIS B 287 16.30 -25.44 -7.87
C HIS B 287 16.05 -26.95 -7.93
N ARG B 288 16.67 -27.65 -8.87
CA ARG B 288 16.33 -29.05 -9.12
C ARG B 288 16.63 -29.96 -7.92
N GLN B 289 17.79 -29.77 -7.30
CA GLN B 289 18.15 -30.62 -6.17
C GLN B 289 17.16 -30.42 -5.02
N THR B 290 16.90 -29.16 -4.69
CA THR B 290 15.95 -28.83 -3.62
C THR B 290 14.57 -29.40 -3.93
N LEU B 291 14.09 -29.23 -5.16
CA LEU B 291 12.81 -29.83 -5.54
C LEU B 291 12.80 -31.35 -5.35
N ASP B 292 13.84 -32.03 -5.80
CA ASP B 292 13.90 -33.50 -5.67
C ASP B 292 13.80 -33.92 -4.21
N GLN B 293 14.48 -33.18 -3.34
CA GLN B 293 14.42 -33.45 -1.90
C GLN B 293 13.02 -33.26 -1.36
N LEU B 294 12.33 -32.19 -1.79
CA LEU B 294 10.94 -31.98 -1.43
C LEU B 294 10.03 -33.11 -1.85
N ILE B 295 10.20 -33.58 -3.09
CA ILE B 295 9.35 -34.63 -3.63
C ILE B 295 9.54 -35.92 -2.83
N ALA B 296 10.79 -36.26 -2.55
CA ALA B 296 11.11 -37.41 -1.70
C ALA B 296 10.47 -37.27 -0.32
N LYS B 297 10.72 -36.13 0.32
CA LYS B 297 10.26 -35.87 1.68
C LYS B 297 8.76 -36.05 1.86
N TYR B 298 7.98 -35.57 0.91
CA TYR B 298 6.52 -35.57 1.05
C TYR B 298 5.79 -36.55 0.15
N ASP B 299 6.55 -37.41 -0.55
CA ASP B 299 5.98 -38.42 -1.46
C ASP B 299 5.04 -37.76 -2.45
N LEU B 300 5.60 -36.84 -3.22
CA LEU B 300 4.81 -36.10 -4.19
C LEU B 300 4.94 -36.75 -5.56
N LYS C 10 12.23 11.22 -38.68
CA LYS C 10 11.38 11.48 -37.47
C LYS C 10 12.09 11.07 -36.19
N ASP C 11 12.32 12.03 -35.28
CA ASP C 11 12.51 11.66 -33.89
C ASP C 11 11.10 11.60 -33.29
N LEU C 12 10.93 10.87 -32.19
CA LEU C 12 9.60 10.67 -31.66
C LEU C 12 9.27 11.62 -30.50
N LYS C 13 10.10 12.63 -30.29
CA LYS C 13 9.77 13.70 -29.33
C LYS C 13 8.46 14.38 -29.71
N GLY C 14 7.83 15.01 -28.74
CA GLY C 14 6.63 15.81 -29.00
C GLY C 14 5.43 15.44 -28.15
N LEU C 15 4.30 16.01 -28.51
CA LEU C 15 3.09 15.86 -27.75
C LEU C 15 2.10 14.98 -28.48
N TYR C 16 1.60 13.96 -27.79
CA TYR C 16 0.71 12.97 -28.39
C TYR C 16 -0.62 12.88 -27.69
N ALA C 17 -1.70 12.74 -28.46
CA ALA C 17 -2.98 12.33 -27.88
C ALA C 17 -2.94 10.82 -27.64
N ALA C 18 -3.29 10.39 -26.44
CA ALA C 18 -3.65 8.99 -26.23
C ALA C 18 -5.03 8.83 -26.79
N LEU C 19 -5.09 8.18 -27.95
CA LEU C 19 -6.29 8.18 -28.72
C LEU C 19 -7.45 7.48 -28.03
N LEU C 20 -8.54 8.22 -27.89
CA LEU C 20 -9.82 7.70 -27.40
C LEU C 20 -10.58 6.99 -28.52
N VAL C 21 -11.42 6.04 -28.14
CA VAL C 21 -12.16 5.24 -29.11
C VAL C 21 -13.65 5.26 -28.78
N PRO C 22 -14.51 5.61 -29.77
CA PRO C 22 -15.93 5.60 -29.57
C PRO C 22 -16.53 4.23 -29.89
N PHE C 23 -17.40 3.75 -29.02
CA PHE C 23 -18.04 2.46 -29.24
C PHE C 23 -19.57 2.59 -29.43
N ASP C 24 -20.16 1.56 -30.04
CA ASP C 24 -21.60 1.44 -30.03
C ASP C 24 -22.06 0.64 -28.81
N GLU C 25 -23.37 0.45 -28.69
CA GLU C 25 -24.00 -0.23 -27.55
C GLU C 25 -23.51 -1.67 -27.35
N ASN C 26 -22.99 -2.30 -28.40
CA ASN C 26 -22.47 -3.67 -28.31
C ASN C 26 -20.96 -3.74 -28.14
N GLY C 27 -20.33 -2.61 -27.79
CA GLY C 27 -18.89 -2.58 -27.62
C GLY C 27 -18.10 -2.76 -28.89
N GLN C 28 -18.71 -2.47 -30.04
CA GLN C 28 -18.02 -2.42 -31.32
C GLN C 28 -17.54 -1.01 -31.62
N VAL C 29 -16.43 -0.95 -32.32
CA VAL C 29 -15.78 0.32 -32.67
C VAL C 29 -16.63 1.08 -33.69
N ASN C 30 -16.79 2.38 -33.47
CA ASN C 30 -17.41 3.28 -34.42
C ASN C 30 -16.28 3.90 -35.23
N GLU C 31 -16.05 3.38 -36.42
CA GLU C 31 -14.87 3.74 -37.20
C GLU C 31 -14.92 5.19 -37.67
N GLN C 32 -16.11 5.66 -38.01
CA GLN C 32 -16.28 7.05 -38.50
C GLN C 32 -16.00 8.00 -37.38
N GLY C 33 -16.49 7.67 -36.19
CA GLY C 33 -16.23 8.49 -35.01
C GLY C 33 -14.76 8.46 -34.66
N LEU C 34 -14.12 7.30 -34.77
CA LEU C 34 -12.70 7.19 -34.46
C LEU C 34 -11.86 8.04 -35.39
N LYS C 35 -12.23 8.04 -36.67
CA LYS C 35 -11.51 8.88 -37.60
C LYS C 35 -11.63 10.35 -37.20
N GLN C 36 -12.82 10.77 -36.77
CA GLN C 36 -13.03 12.15 -36.33
C GLN C 36 -12.18 12.47 -35.12
N ILE C 37 -12.07 11.54 -34.19
CA ILE C 37 -11.26 11.76 -32.98
C ILE C 37 -9.80 11.88 -33.37
N ALA C 38 -9.31 11.02 -34.27
CA ALA C 38 -7.92 11.12 -34.70
C ALA C 38 -7.64 12.45 -35.39
N GLN C 39 -8.59 12.88 -36.22
CA GLN C 39 -8.44 14.15 -36.93
C GLN C 39 -8.48 15.35 -36.00
N ASN C 40 -9.36 15.31 -35.01
CA ASN C 40 -9.44 16.33 -33.96
C ASN C 40 -8.10 16.55 -33.28
N ALA C 41 -7.44 15.45 -32.93
CA ALA C 41 -6.18 15.55 -32.20
C ALA C 41 -5.07 16.24 -32.99
N ILE C 42 -5.03 15.98 -34.30
CA ILE C 42 -3.96 16.49 -35.14
C ILE C 42 -4.33 17.88 -35.67
N GLU C 43 -5.54 18.04 -36.18
CA GLU C 43 -5.93 19.27 -36.86
C GLU C 43 -6.38 20.36 -35.89
N THR C 44 -7.18 20.00 -34.90
CA THR C 44 -7.76 20.96 -33.97
C THR C 44 -6.84 21.19 -32.76
N GLU C 45 -6.39 20.10 -32.14
CA GLU C 45 -5.52 20.20 -30.98
C GLU C 45 -4.06 20.39 -31.36
N GLU C 46 -3.73 20.24 -32.64
CA GLU C 46 -2.41 20.58 -33.16
C GLU C 46 -1.28 19.76 -32.55
N LEU C 47 -1.58 18.50 -32.27
CA LEU C 47 -0.58 17.61 -31.66
C LEU C 47 0.33 17.00 -32.69
N ASP C 48 1.45 16.46 -32.22
CA ASP C 48 2.49 15.91 -33.09
C ASP C 48 2.18 14.49 -33.51
N GLY C 49 1.34 13.80 -32.75
CA GLY C 49 1.16 12.36 -32.96
C GLY C 49 0.03 11.75 -32.18
N LEU C 50 -0.21 10.46 -32.43
CA LEU C 50 -1.18 9.65 -31.72
C LEU C 50 -0.46 8.46 -31.10
N TYR C 51 -0.85 8.15 -29.88
CA TYR C 51 -0.48 6.92 -29.18
C TYR C 51 -1.76 6.09 -29.18
N VAL C 52 -1.71 5.02 -29.98
CA VAL C 52 -2.89 4.23 -30.32
C VAL C 52 -2.93 2.92 -29.54
N ASN C 53 -4.13 2.60 -29.07
CA ASN C 53 -4.43 1.40 -28.29
C ASN C 53 -3.72 1.40 -26.95
N GLY C 54 -3.55 2.58 -26.38
CA GLY C 54 -3.11 2.68 -24.99
C GLY C 54 -4.24 2.47 -24.03
N SER C 55 -3.96 2.68 -22.75
CA SER C 55 -5.01 2.56 -21.73
C SER C 55 -6.22 3.44 -22.06
N SER C 56 -5.94 4.66 -22.52
CA SER C 56 -6.99 5.64 -22.81
C SER C 56 -7.91 5.22 -23.97
N GLY C 57 -7.41 4.33 -24.83
CA GLY C 57 -8.25 3.78 -25.89
C GLY C 57 -9.08 2.58 -25.48
N GLU C 58 -9.16 2.31 -24.18
CA GLU C 58 -9.87 1.17 -23.64
C GLU C 58 -9.30 -0.13 -24.24
N ASN C 59 -8.02 -0.08 -24.61
CA ASN C 59 -7.40 -1.17 -25.32
C ASN C 59 -7.53 -2.52 -24.64
N PHE C 60 -7.43 -2.54 -23.31
CA PHE C 60 -7.34 -3.80 -22.61
C PHE C 60 -8.71 -4.47 -22.50
N LEU C 61 -9.76 -3.78 -22.96
CA LEU C 61 -11.11 -4.33 -23.06
C LEU C 61 -11.42 -4.88 -24.48
N LEU C 62 -10.49 -4.72 -25.41
CA LEU C 62 -10.72 -5.07 -26.82
C LEU C 62 -10.26 -6.49 -27.14
N ASN C 63 -10.83 -7.08 -28.20
CA ASN C 63 -10.25 -8.28 -28.77
C ASN C 63 -9.22 -7.92 -29.82
N THR C 64 -8.46 -8.93 -30.26
CA THR C 64 -7.36 -8.71 -31.14
C THR C 64 -7.78 -8.03 -32.43
N GLU C 65 -8.91 -8.44 -32.99
CA GLU C 65 -9.34 -7.88 -34.28
C GLU C 65 -9.75 -6.43 -34.14
N GLN C 66 -10.42 -6.10 -33.02
CA GLN C 66 -10.72 -4.70 -32.72
C GLN C 66 -9.44 -3.88 -32.57
N LYS C 67 -8.41 -4.42 -31.93
CA LYS C 67 -7.15 -3.67 -31.82
C LYS C 67 -6.56 -3.36 -33.19
N LYS C 68 -6.62 -4.34 -34.08
CA LYS C 68 -6.16 -4.13 -35.43
C LYS C 68 -6.99 -3.07 -36.17
N GLN C 69 -8.30 -3.14 -35.98
CA GLN C 69 -9.25 -2.21 -36.55
C GLN C 69 -8.88 -0.77 -36.17
N VAL C 70 -8.60 -0.56 -34.89
CA VAL C 70 -8.19 0.77 -34.42
C VAL C 70 -6.86 1.24 -35.02
N PHE C 71 -5.86 0.38 -35.07
CA PHE C 71 -4.58 0.72 -35.66
C PHE C 71 -4.76 1.16 -37.11
N LYS C 72 -5.57 0.42 -37.85
CA LYS C 72 -5.79 0.70 -39.26
C LYS C 72 -6.52 2.03 -39.48
N VAL C 73 -7.62 2.20 -38.78
CA VAL C 73 -8.45 3.39 -38.91
C VAL C 73 -7.65 4.62 -38.51
N ALA C 74 -6.91 4.55 -37.41
CA ALA C 74 -6.11 5.70 -36.96
C ALA C 74 -5.00 6.05 -37.97
N LYS C 75 -4.33 5.05 -38.51
CA LYS C 75 -3.29 5.30 -39.49
C LYS C 75 -3.88 5.95 -40.77
N GLU C 76 -5.05 5.49 -41.19
CA GLU C 76 -5.70 6.02 -42.41
C GLU C 76 -6.29 7.41 -42.23
N ALA C 77 -6.63 7.77 -40.99
CA ALA C 77 -7.23 9.07 -40.69
C ALA C 77 -6.25 10.26 -40.77
N VAL C 78 -4.96 10.00 -40.62
CA VAL C 78 -3.97 11.09 -40.53
C VAL C 78 -2.87 11.01 -41.59
N GLY C 79 -2.19 12.13 -41.78
CA GLY C 79 -1.16 12.27 -42.80
C GLY C 79 0.16 11.62 -42.43
N ASP C 80 1.07 11.55 -43.40
CA ASP C 80 2.34 10.85 -43.19
C ASP C 80 3.34 11.58 -42.28
N LYS C 81 3.11 12.87 -41.99
CA LYS C 81 3.99 13.63 -41.08
C LYS C 81 3.65 13.35 -39.62
N VAL C 82 2.48 12.79 -39.38
CA VAL C 82 1.99 12.58 -38.03
C VAL C 82 2.76 11.39 -37.45
N LYS C 83 3.28 11.56 -36.23
CA LYS C 83 3.98 10.49 -35.55
C LYS C 83 2.96 9.53 -34.97
N LEU C 84 3.23 8.24 -35.09
CA LEU C 84 2.33 7.20 -34.63
C LEU C 84 3.08 6.15 -33.82
N ILE C 85 2.62 5.95 -32.59
CA ILE C 85 3.17 4.92 -31.69
C ILE C 85 2.04 3.95 -31.38
N ALA C 86 2.32 2.65 -31.52
CA ALA C 86 1.33 1.58 -31.41
C ALA C 86 1.55 0.87 -30.09
N GLN C 87 0.61 0.97 -29.18
CA GLN C 87 0.73 0.21 -27.93
C GLN C 87 0.18 -1.20 -28.15
N VAL C 88 1.07 -2.18 -28.01
CA VAL C 88 0.78 -3.58 -28.36
C VAL C 88 0.93 -4.54 -27.18
N GLY C 89 1.27 -3.99 -26.01
CA GLY C 89 1.37 -4.77 -24.81
C GLY C 89 0.10 -5.48 -24.48
N SER C 90 0.27 -6.70 -24.02
CA SER C 90 -0.82 -7.62 -23.80
C SER C 90 -0.24 -8.70 -22.91
N LEU C 91 -1.04 -9.31 -22.07
CA LEU C 91 -0.54 -10.43 -21.27
C LEU C 91 -0.27 -11.66 -22.16
N ASP C 92 -0.94 -11.71 -23.31
CA ASP C 92 -0.66 -12.71 -24.36
C ASP C 92 0.50 -12.24 -25.26
N LEU C 93 1.70 -12.78 -25.02
CA LEU C 93 2.88 -12.36 -25.79
C LEU C 93 2.75 -12.66 -27.30
N ASN C 94 2.08 -13.76 -27.63
CA ASN C 94 1.77 -14.06 -29.05
C ASN C 94 0.90 -12.98 -29.69
N GLU C 95 -0.09 -12.49 -28.94
CA GLU C 95 -0.92 -11.38 -29.41
C GLU C 95 -0.12 -10.10 -29.56
N ALA C 96 0.76 -9.81 -28.58
CA ALA C 96 1.58 -8.61 -28.65
C ALA C 96 2.45 -8.63 -29.92
N ILE C 97 3.02 -9.80 -30.21
CA ILE C 97 3.84 -9.95 -31.42
C ILE C 97 3.01 -9.82 -32.68
N GLU C 98 1.82 -10.43 -32.72
CA GLU C 98 0.91 -10.31 -33.86
C GLU C 98 0.53 -8.85 -34.11
N LEU C 99 0.16 -8.16 -33.05
CA LEU C 99 -0.21 -6.74 -33.14
C LEU C 99 0.98 -5.90 -33.52
N GLY C 100 2.13 -6.20 -32.95
CA GLY C 100 3.37 -5.53 -33.26
C GLY C 100 3.73 -5.65 -34.73
N LYS C 101 3.61 -6.85 -35.28
CA LYS C 101 3.93 -7.05 -36.70
C LYS C 101 2.95 -6.28 -37.58
N TYR C 102 1.67 -6.37 -37.26
CA TYR C 102 0.61 -5.67 -37.97
C TYR C 102 0.80 -4.15 -37.95
N ALA C 103 1.03 -3.59 -36.76
CA ALA C 103 1.24 -2.14 -36.67
C ALA C 103 2.52 -1.72 -37.41
N THR C 104 3.58 -2.53 -37.32
CA THR C 104 4.81 -2.23 -38.04
C THR C 104 4.56 -2.22 -39.57
N GLU C 105 3.81 -3.20 -40.07
CA GLU C 105 3.50 -3.29 -41.52
C GLU C 105 2.67 -2.09 -41.98
N LEU C 106 1.81 -1.59 -41.10
CA LEU C 106 1.06 -0.37 -41.33
C LEU C 106 1.92 0.90 -41.38
N GLY C 107 3.15 0.84 -40.87
CA GLY C 107 4.04 1.98 -40.86
C GLY C 107 4.06 2.77 -39.56
N TYR C 108 3.60 2.20 -38.46
CA TYR C 108 3.77 2.86 -37.14
C TYR C 108 5.23 3.07 -36.82
N ASP C 109 5.54 4.23 -36.25
CA ASP C 109 6.93 4.67 -36.11
C ASP C 109 7.68 3.97 -34.98
N ALA C 110 6.93 3.51 -33.99
CA ALA C 110 7.44 2.76 -32.86
C ALA C 110 6.35 1.93 -32.26
N LEU C 111 6.75 0.91 -31.51
CA LEU C 111 5.82 0.13 -30.70
C LEU C 111 6.02 0.56 -29.25
N SER C 112 5.01 0.28 -28.46
CA SER C 112 5.08 0.48 -27.01
C SER C 112 4.37 -0.68 -26.32
N ALA C 113 4.76 -0.99 -25.09
CA ALA C 113 4.14 -2.09 -24.39
C ALA C 113 4.15 -1.88 -22.90
N VAL C 114 2.96 -1.96 -22.32
CA VAL C 114 2.79 -1.93 -20.87
C VAL C 114 3.57 -3.08 -20.23
N THR C 115 4.16 -2.81 -19.07
CA THR C 115 4.79 -3.88 -18.32
C THR C 115 3.74 -4.96 -18.05
N PRO C 116 4.08 -6.24 -18.26
CA PRO C 116 3.17 -7.32 -17.88
C PRO C 116 2.65 -7.20 -16.44
N PHE C 117 1.36 -7.41 -16.26
CA PHE C 117 0.68 -7.18 -15.00
C PHE C 117 -0.20 -8.39 -14.61
N TYR C 118 -1.01 -8.19 -13.57
CA TYR C 118 -1.83 -9.22 -12.94
C TYR C 118 -0.98 -10.27 -12.23
N TYR C 119 -0.28 -11.12 -12.97
CA TYR C 119 0.65 -12.05 -12.30
C TYR C 119 1.90 -11.34 -11.81
N PRO C 120 2.52 -11.86 -10.74
CA PRO C 120 3.75 -11.27 -10.20
C PRO C 120 4.98 -11.73 -10.98
N PHE C 121 5.10 -11.29 -12.22
CA PHE C 121 6.26 -11.63 -13.05
C PHE C 121 7.55 -11.11 -12.43
N THR C 122 8.64 -11.85 -12.60
CA THR C 122 9.94 -11.36 -12.16
C THR C 122 10.40 -10.32 -13.14
N PHE C 123 11.42 -9.59 -12.76
CA PHE C 123 11.97 -8.61 -13.66
C PHE C 123 12.58 -9.27 -14.91
N GLU C 124 13.26 -10.39 -14.73
CA GLU C 124 13.82 -11.10 -15.89
C GLU C 124 12.75 -11.51 -16.90
N GLU C 125 11.57 -11.89 -16.41
CA GLU C 125 10.44 -12.26 -17.24
C GLU C 125 9.93 -11.04 -17.99
N ILE C 126 9.81 -9.91 -17.28
CA ILE C 126 9.39 -8.65 -17.90
C ILE C 126 10.40 -8.18 -18.94
N ARG C 127 11.69 -8.26 -18.62
CA ARG C 127 12.73 -7.87 -19.55
C ARG C 127 12.63 -8.68 -20.84
N ASP C 128 12.49 -10.00 -20.72
CA ASP C 128 12.50 -10.84 -21.92
C ASP C 128 11.20 -10.79 -22.75
N TYR C 129 10.10 -10.38 -22.12
CA TYR C 129 8.89 -10.01 -22.85
C TYR C 129 9.20 -8.90 -23.86
N TYR C 130 9.82 -7.83 -23.40
CA TYR C 130 10.20 -6.73 -24.28
C TYR C 130 11.15 -7.24 -25.37
N PHE C 131 12.19 -7.95 -24.96
CA PHE C 131 13.21 -8.43 -25.89
C PHE C 131 12.60 -9.34 -26.96
N ASP C 132 11.60 -10.15 -26.58
CA ASP C 132 10.92 -11.06 -27.51
C ASP C 132 10.04 -10.33 -28.52
N ILE C 133 9.30 -9.31 -28.07
CA ILE C 133 8.51 -8.51 -28.99
C ILE C 133 9.45 -7.84 -30.01
N ILE C 134 10.56 -7.29 -29.53
CA ILE C 134 11.51 -6.60 -30.39
C ILE C 134 12.12 -7.58 -31.40
N GLU C 135 12.52 -8.75 -30.93
CA GLU C 135 13.13 -9.75 -31.83
C GLU C 135 12.19 -10.12 -32.96
N ALA C 136 10.92 -10.30 -32.65
CA ALA C 136 9.94 -10.72 -33.64
C ALA C 136 9.51 -9.63 -34.62
N THR C 137 9.54 -8.36 -34.18
CA THR C 137 8.96 -7.25 -34.95
C THR C 137 10.01 -6.37 -35.59
N GLN C 138 11.22 -6.32 -35.00
CA GLN C 138 12.32 -5.44 -35.43
C GLN C 138 11.99 -3.94 -35.50
N ASN C 139 11.00 -3.51 -34.72
CA ASN C 139 10.68 -2.09 -34.61
C ASN C 139 11.22 -1.59 -33.27
N ASN C 140 11.29 -0.27 -33.17
CA ASN C 140 11.68 0.39 -31.95
C ASN C 140 10.59 0.26 -30.91
N MET C 141 11.01 0.27 -29.65
CA MET C 141 10.13 -0.05 -28.54
C MET C 141 10.28 1.03 -27.45
N ILE C 142 9.12 1.43 -26.95
CA ILE C 142 9.00 2.35 -25.83
C ILE C 142 8.34 1.62 -24.66
N ILE C 143 9.05 1.53 -23.54
CA ILE C 143 8.49 0.93 -22.34
C ILE C 143 7.31 1.79 -21.86
N TYR C 144 6.19 1.16 -21.51
CA TYR C 144 5.05 1.88 -20.92
C TYR C 144 4.99 1.46 -19.45
N ALA C 145 5.39 2.38 -18.58
CA ALA C 145 5.46 2.14 -17.13
C ALA C 145 4.33 2.91 -16.49
N ILE C 146 3.40 2.18 -15.85
CA ILE C 146 2.25 2.81 -15.21
C ILE C 146 1.98 2.07 -13.89
N PRO C 147 2.85 2.28 -12.91
CA PRO C 147 2.78 1.52 -11.64
C PRO C 147 1.46 1.65 -10.88
N ASP C 148 0.74 2.76 -11.02
CA ASP C 148 -0.51 2.91 -10.28
C ASP C 148 -1.60 1.95 -10.77
N LEU C 149 -1.47 1.43 -11.99
CA LEU C 149 -2.41 0.44 -12.51
C LEU C 149 -1.83 -0.97 -12.48
N THR C 150 -0.53 -1.12 -12.67
CA THR C 150 0.07 -2.45 -12.81
C THR C 150 0.64 -2.99 -11.50
N GLY C 151 0.99 -2.08 -10.59
CA GLY C 151 1.73 -2.46 -9.40
C GLY C 151 3.16 -2.86 -9.70
N VAL C 152 3.65 -2.56 -10.90
CA VAL C 152 5.01 -2.89 -11.26
C VAL C 152 5.89 -1.64 -11.14
N ASN C 153 6.95 -1.75 -10.36
CA ASN C 153 7.93 -0.67 -10.26
C ASN C 153 9.24 -1.10 -10.89
N ILE C 154 9.74 -0.26 -11.78
CA ILE C 154 11.05 -0.49 -12.40
C ILE C 154 12.09 0.41 -11.75
N SER C 155 13.14 -0.21 -11.23
CA SER C 155 14.27 0.51 -10.63
C SER C 155 15.22 1.07 -11.71
N ILE C 156 16.09 2.00 -11.31
CA ILE C 156 17.10 2.54 -12.22
C ILE C 156 17.98 1.45 -12.81
N GLU C 157 18.34 0.48 -11.99
CA GLU C 157 19.23 -0.60 -12.42
C GLU C 157 18.52 -1.47 -13.46
N GLN C 158 17.23 -1.66 -13.28
CA GLN C 158 16.40 -2.42 -14.21
C GLN C 158 16.19 -1.64 -15.52
N PHE C 159 15.93 -0.35 -15.41
CA PHE C 159 15.96 0.51 -16.60
C PHE C 159 17.28 0.40 -17.38
N SER C 160 18.40 0.38 -16.69
CA SER C 160 19.70 0.26 -17.34
C SER C 160 19.76 -0.98 -18.22
N GLU C 161 19.28 -2.09 -17.69
CA GLU C 161 19.30 -3.34 -18.41
C GLU C 161 18.39 -3.29 -19.64
N LEU C 162 17.19 -2.72 -19.49
CA LEU C 162 16.32 -2.51 -20.62
C LEU C 162 16.94 -1.58 -21.67
N PHE C 163 17.43 -0.43 -21.22
CA PHE C 163 18.01 0.58 -22.14
C PHE C 163 19.36 0.17 -22.73
N ASN C 164 19.94 -0.91 -22.24
CA ASN C 164 21.09 -1.50 -22.92
C ASN C 164 20.71 -2.01 -24.32
N HIS C 165 19.45 -2.39 -24.53
CA HIS C 165 18.96 -2.76 -25.86
C HIS C 165 18.83 -1.51 -26.74
N GLU C 166 19.52 -1.51 -27.88
CA GLU C 166 19.51 -0.35 -28.78
C GLU C 166 18.11 0.00 -29.38
N LYS C 167 17.21 -0.97 -29.48
CA LYS C 167 15.85 -0.76 -29.96
C LYS C 167 14.82 -0.42 -28.86
N ILE C 168 15.24 -0.42 -27.60
CA ILE C 168 14.41 0.16 -26.54
C ILE C 168 14.81 1.64 -26.45
N VAL C 169 14.04 2.48 -27.13
CA VAL C 169 14.45 3.86 -27.40
C VAL C 169 14.03 4.83 -26.30
N GLY C 170 13.13 4.39 -25.43
CA GLY C 170 12.66 5.25 -24.33
C GLY C 170 11.52 4.66 -23.54
N VAL C 171 10.80 5.54 -22.85
CA VAL C 171 9.79 5.14 -21.90
C VAL C 171 8.67 6.17 -21.86
N KPI C 172 7.46 5.69 -21.72
CA KPI C 172 6.27 6.48 -21.43
CB KPI C 172 5.03 5.99 -22.18
CG KPI C 172 3.78 6.79 -21.75
CD KPI C 172 2.54 6.13 -22.31
CE KPI C 172 1.36 6.96 -21.87
NZ KPI C 172 0.17 6.21 -22.17
CX1 KPI C 172 -1.08 6.67 -22.05
C1 KPI C 172 -1.42 8.09 -21.63
CX2 KPI C 172 -2.20 5.70 -22.40
O1 KPI C 172 -1.91 4.49 -22.68
O2 KPI C 172 -3.43 6.07 -22.29
C KPI C 172 6.13 6.29 -19.92
O KPI C 172 5.77 5.19 -19.47
N TYR C 173 6.40 7.35 -19.17
CA TYR C 173 6.54 7.29 -17.73
C TYR C 173 5.30 7.90 -17.13
N THR C 174 4.38 7.05 -16.66
CA THR C 174 3.14 7.50 -16.05
C THR C 174 3.26 7.16 -14.57
N ALA C 175 4.03 7.93 -13.82
CA ALA C 175 4.18 7.70 -12.39
C ALA C 175 4.38 9.05 -11.76
N PRO C 176 4.11 9.18 -10.45
CA PRO C 176 4.23 10.51 -9.81
C PRO C 176 5.59 10.88 -9.18
N ASN C 177 6.58 9.99 -9.27
CA ASN C 177 7.84 10.10 -8.54
CA ASN C 177 7.80 10.20 -8.51
C ASN C 177 8.89 10.93 -9.31
N PHE C 178 9.09 12.18 -8.92
CA PHE C 178 10.03 13.06 -9.61
C PHE C 178 11.49 12.85 -9.25
N PHE C 179 11.76 12.16 -8.15
CA PHE C 179 13.11 11.74 -7.83
C PHE C 179 13.52 10.67 -8.85
N LEU C 180 12.69 9.65 -9.00
CA LEU C 180 12.97 8.61 -9.99
C LEU C 180 13.04 9.19 -11.40
N LEU C 181 12.10 10.08 -11.76
CA LEU C 181 12.15 10.67 -13.10
C LEU C 181 13.48 11.38 -13.33
N GLU C 182 13.93 12.13 -12.32
CA GLU C 182 15.16 12.88 -12.46
C GLU C 182 16.37 11.94 -12.60
N ARG C 183 16.36 10.86 -11.83
CA ARG C 183 17.46 9.88 -11.86
C ARG C 183 17.51 9.22 -13.26
N ILE C 184 16.35 8.87 -13.79
CA ILE C 184 16.23 8.31 -15.16
C ILE C 184 16.74 9.32 -16.19
N ARG C 185 16.31 10.58 -16.09
CA ARG C 185 16.71 11.58 -17.06
C ARG C 185 18.24 11.76 -17.06
N LYS C 186 18.82 11.77 -15.86
CA LYS C 186 20.26 11.93 -15.65
C LYS C 186 21.05 10.73 -16.18
N ALA C 187 20.60 9.53 -15.82
CA ALA C 187 21.27 8.26 -16.20
C ALA C 187 21.15 7.95 -17.69
N PHE C 188 20.06 8.37 -18.35
CA PHE C 188 19.79 8.02 -19.74
C PHE C 188 19.48 9.26 -20.60
N PRO C 189 20.49 10.11 -20.81
CA PRO C 189 20.25 11.41 -21.48
C PRO C 189 19.98 11.24 -22.94
N ASP C 190 20.31 10.06 -23.47
CA ASP C 190 20.16 9.71 -24.86
C ASP C 190 18.79 9.11 -25.21
N LYS C 191 18.05 8.64 -24.20
CA LYS C 191 16.79 7.95 -24.42
C LYS C 191 15.61 8.90 -24.40
N LEU C 192 14.51 8.45 -24.98
CA LEU C 192 13.29 9.25 -25.06
C LEU C 192 12.49 9.08 -23.78
N ILE C 193 12.08 10.18 -23.16
CA ILE C 193 11.20 10.12 -22.00
C ILE C 193 9.99 10.92 -22.34
N LEU C 194 8.85 10.22 -22.41
CA LEU C 194 7.54 10.85 -22.66
C LEU C 194 6.71 10.72 -21.39
N SER C 195 6.30 11.84 -20.81
CA SER C 195 5.55 11.79 -19.57
CA SER C 195 5.52 11.85 -19.57
C SER C 195 4.08 11.48 -19.84
N GLY C 196 3.52 10.67 -18.94
CA GLY C 196 2.13 10.27 -19.04
C GLY C 196 1.14 10.85 -18.04
OAK P9S C 197 -0.52 10.35 -10.73
CAI P9S C 197 0.42 9.47 -11.30
CAH P9S C 197 -0.17 9.15 -12.69
OAJ P9S C 197 -1.53 8.70 -12.57
CAG P9S C 197 -0.17 10.39 -13.57
SAF P9S C 197 1.54 10.65 -14.18
CB P9S C 197 1.38 12.36 -14.75
CA P9S C 197 0.71 12.33 -16.13
N P9S C 197 1.58 11.72 -17.15
C P9S C 197 0.39 13.77 -16.51
O P9S C 197 1.18 14.68 -16.23
N ASP C 198 -0.78 13.95 -17.10
CA ASP C 198 -1.16 15.24 -17.72
C ASP C 198 -1.18 16.34 -16.64
N GLU C 199 -1.60 15.96 -15.43
CA GLU C 199 -1.73 16.93 -14.35
C GLU C 199 -0.38 17.38 -13.78
N MET C 200 0.71 16.75 -14.24
CA MET C 200 2.06 17.17 -13.86
C MET C 200 2.95 17.46 -15.06
N LEU C 201 2.35 17.90 -16.15
CA LEU C 201 3.11 18.22 -17.37
C LEU C 201 4.18 19.28 -17.13
N VAL C 202 3.84 20.31 -16.36
CA VAL C 202 4.81 21.40 -16.18
C VAL C 202 6.05 20.94 -15.39
N GLN C 203 5.85 20.13 -14.35
CA GLN C 203 6.94 19.58 -13.56
C GLN C 203 7.77 18.58 -14.38
N ALA C 204 7.09 17.78 -15.19
CA ALA C 204 7.78 16.83 -16.10
C ALA C 204 8.63 17.60 -17.12
N THR C 205 8.06 18.66 -17.66
CA THR C 205 8.78 19.47 -18.64
C THR C 205 10.07 20.04 -18.09
N ILE C 206 10.03 20.64 -16.90
CA ILE C 206 11.24 21.23 -16.33
C ILE C 206 12.20 20.14 -15.86
N SER C 207 11.70 18.90 -15.73
CA SER C 207 12.54 17.72 -15.43
C SER C 207 13.12 17.08 -16.69
N GLY C 208 12.92 17.71 -17.85
CA GLY C 208 13.64 17.34 -19.06
C GLY C 208 13.04 16.27 -19.94
N VAL C 209 11.74 15.99 -19.78
CA VAL C 209 11.05 15.08 -20.68
C VAL C 209 11.06 15.60 -22.13
N ASP C 210 11.01 14.67 -23.07
CA ASP C 210 11.08 15.01 -24.49
C ASP C 210 9.70 15.23 -25.10
N GLY C 211 8.68 15.04 -24.29
CA GLY C 211 7.34 15.17 -24.75
C GLY C 211 6.41 14.51 -23.76
N ALA C 212 5.18 14.28 -24.20
CA ALA C 212 4.14 13.75 -23.34
C ALA C 212 3.05 13.10 -24.15
N ILE C 213 2.39 12.15 -23.52
CA ILE C 213 1.32 11.39 -24.07
C ILE C 213 0.21 11.45 -23.05
N GLY C 214 -1.00 11.81 -23.47
CA GLY C 214 -2.08 12.03 -22.54
C GLY C 214 -3.46 11.94 -23.15
N SER C 215 -4.42 11.41 -22.38
CA SER C 215 -5.81 11.38 -22.79
C SER C 215 -6.43 12.77 -22.87
N THR C 216 -6.02 13.68 -21.97
CA THR C 216 -6.69 14.97 -21.94
C THR C 216 -6.26 15.88 -23.07
N TYR C 217 -5.17 15.54 -23.73
CA TYR C 217 -4.70 16.34 -24.88
C TYR C 217 -5.65 16.21 -26.07
N ASN C 218 -6.49 15.17 -26.09
CA ASN C 218 -7.62 15.12 -27.02
C ASN C 218 -8.50 16.38 -26.95
N VAL C 219 -8.61 16.98 -25.77
CA VAL C 219 -9.44 18.18 -25.61
C VAL C 219 -8.69 19.45 -25.20
N ASN C 220 -7.44 19.33 -24.78
CA ASN C 220 -6.67 20.42 -24.18
C ASN C 220 -5.24 20.47 -24.68
N GLY C 221 -5.03 19.96 -25.90
CA GLY C 221 -3.72 19.88 -26.49
C GLY C 221 -3.04 21.19 -26.81
N ARG C 222 -3.83 22.22 -27.08
CA ARG C 222 -3.29 23.56 -27.32
C ARG C 222 -2.71 24.16 -26.05
N ARG C 223 -3.41 24.07 -24.92
CA ARG C 223 -2.79 24.48 -23.64
C ARG C 223 -1.55 23.67 -23.30
N ALA C 224 -1.64 22.37 -23.53
CA ALA C 224 -0.54 21.50 -23.17
C ALA C 224 0.73 21.89 -23.93
N ARG C 225 0.58 22.23 -25.21
CA ARG C 225 1.72 22.69 -25.97
C ARG C 225 2.33 23.98 -25.40
N LYS C 226 1.47 24.92 -25.00
CA LYS C 226 1.95 26.17 -24.41
C LYS C 226 2.67 25.91 -23.09
N ILE C 227 2.14 25.01 -22.26
CA ILE C 227 2.86 24.63 -21.04
C ILE C 227 4.25 24.10 -21.34
N PHE C 228 4.32 23.15 -22.25
CA PHE C 228 5.57 22.51 -22.65
C PHE C 228 6.55 23.55 -23.20
N ASP C 229 6.07 24.36 -24.12
CA ASP C 229 6.91 25.38 -24.75
C ASP C 229 7.34 26.47 -23.77
N LEU C 230 6.37 27.02 -23.05
CA LEU C 230 6.69 28.08 -22.09
C LEU C 230 7.64 27.65 -21.01
N ALA C 231 7.41 26.47 -20.41
CA ALA C 231 8.32 25.97 -19.38
C ALA C 231 9.77 25.79 -19.88
N ARG C 232 9.95 25.29 -21.09
CA ARG C 232 11.30 25.11 -21.66
C ARG C 232 11.97 26.43 -22.03
N GLN C 233 11.17 27.45 -22.29
CA GLN C 233 11.67 28.82 -22.49
C GLN C 233 11.98 29.53 -21.18
N GLY C 234 11.68 28.90 -20.05
CA GLY C 234 11.88 29.53 -18.75
C GLY C 234 10.76 30.45 -18.31
N GLN C 235 9.65 30.47 -19.04
CA GLN C 235 8.50 31.29 -18.66
C GLN C 235 7.58 30.43 -17.77
N ILE C 236 8.09 30.14 -16.59
CA ILE C 236 7.50 29.14 -15.72
C ILE C 236 6.25 29.61 -14.98
N GLN C 237 6.11 30.91 -14.76
CA GLN C 237 4.89 31.41 -14.13
C GLN C 237 3.71 31.28 -15.07
N GLU C 238 3.88 31.67 -16.34
CA GLU C 238 2.80 31.55 -17.31
C GLU C 238 2.46 30.06 -17.54
N ALA C 239 3.51 29.23 -17.60
CA ALA C 239 3.32 27.78 -17.83
C ALA C 239 2.50 27.17 -16.71
N TYR C 240 2.83 27.55 -15.48
CA TYR C 240 2.14 27.04 -14.32
C TYR C 240 0.70 27.56 -14.22
N GLN C 241 0.43 28.81 -14.62
CA GLN C 241 -0.98 29.31 -14.67
C GLN C 241 -1.80 28.43 -15.61
N LEU C 242 -1.21 28.04 -16.74
CA LEU C 242 -1.88 27.17 -17.68
C LEU C 242 -2.06 25.78 -17.12
N GLN C 243 -1.10 25.30 -16.33
CA GLN C 243 -1.27 24.02 -15.59
C GLN C 243 -2.43 24.10 -14.60
N HIS C 244 -2.60 25.24 -13.94
CA HIS C 244 -3.73 25.44 -13.04
C HIS C 244 -5.03 25.24 -13.80
N ASP C 245 -5.14 25.87 -14.98
CA ASP C 245 -6.34 25.77 -15.79
C ASP C 245 -6.55 24.31 -16.26
N SER C 246 -5.47 23.70 -16.71
CA SER C 246 -5.47 22.31 -17.16
C SER C 246 -5.92 21.41 -16.01
N ASN C 247 -5.46 21.67 -14.80
CA ASN C 247 -5.80 20.82 -13.67
C ASN C 247 -7.21 20.99 -13.17
N ASP C 248 -7.80 22.16 -13.37
CA ASP C 248 -9.24 22.36 -13.14
C ASP C 248 -10.04 21.43 -14.06
N ILE C 249 -9.58 21.30 -15.30
CA ILE C 249 -10.25 20.44 -16.27
C ILE C 249 -10.05 18.98 -15.85
N ILE C 250 -8.81 18.63 -15.56
CA ILE C 250 -8.46 17.25 -15.19
C ILE C 250 -9.18 16.81 -13.92
N GLU C 251 -9.16 17.65 -12.87
CA GLU C 251 -9.91 17.34 -11.65
C GLU C 251 -11.38 17.08 -11.94
N THR C 252 -11.96 17.95 -12.75
CA THR C 252 -13.37 17.82 -13.10
C THR C 252 -13.66 16.52 -13.87
N VAL C 253 -12.92 16.26 -14.94
CA VAL C 253 -13.18 15.05 -15.76
C VAL C 253 -12.88 13.73 -15.00
N LEU C 254 -11.84 13.70 -14.17
CA LEU C 254 -11.59 12.54 -13.29
C LEU C 254 -12.77 12.26 -12.36
N SER C 255 -13.36 13.31 -11.83
CA SER C 255 -14.48 13.17 -10.92
C SER C 255 -15.70 12.60 -11.63
N MET C 256 -15.83 12.87 -12.92
CA MET C 256 -17.01 12.48 -13.66
C MET C 256 -16.87 11.14 -14.35
N GLY C 257 -15.65 10.63 -14.44
CA GLY C 257 -15.37 9.45 -15.23
C GLY C 257 -14.61 9.85 -16.46
N ILE C 258 -13.28 9.75 -16.40
CA ILE C 258 -12.44 10.42 -17.39
C ILE C 258 -12.69 10.07 -18.87
N TYR C 259 -12.68 8.79 -19.25
CA TYR C 259 -12.81 8.48 -20.67
C TYR C 259 -14.19 8.88 -21.23
N PRO C 260 -15.28 8.48 -20.58
CA PRO C 260 -16.58 8.91 -21.08
C PRO C 260 -16.75 10.44 -21.13
N THR C 261 -16.23 11.13 -20.13
CA THR C 261 -16.36 12.58 -20.06
C THR C 261 -15.56 13.24 -21.16
N LEU C 262 -14.34 12.80 -21.39
CA LEU C 262 -13.53 13.38 -22.46
C LEU C 262 -14.28 13.21 -23.80
N LYS C 263 -14.89 12.05 -24.01
CA LYS C 263 -15.64 11.82 -25.23
C LYS C 263 -16.90 12.67 -25.33
N GLU C 264 -17.55 12.95 -24.20
CA GLU C 264 -18.64 13.92 -24.21
C GLU C 264 -18.19 15.33 -24.58
N ILE C 265 -17.00 15.73 -24.15
CA ILE C 265 -16.45 17.02 -24.57
C ILE C 265 -16.27 17.03 -26.09
N LEU C 266 -15.76 15.93 -26.62
CA LEU C 266 -15.58 15.81 -28.07
C LEU C 266 -16.92 15.82 -28.81
N ARG C 267 -17.96 15.23 -28.23
CA ARG C 267 -19.30 15.26 -28.84
C ARG C 267 -19.79 16.69 -29.01
N HIS C 268 -19.49 17.53 -28.04
CA HIS C 268 -19.80 18.95 -28.12
C HIS C 268 -19.21 19.62 -29.37
N ARG C 269 -18.06 19.14 -29.88
CA ARG C 269 -17.45 19.65 -31.10
C ARG C 269 -18.06 19.07 -32.40
N GLY C 270 -19.17 18.37 -32.29
CA GLY C 270 -19.78 17.65 -33.42
C GLY C 270 -19.19 16.29 -33.78
N ILE C 271 -18.39 15.71 -32.89
CA ILE C 271 -17.79 14.38 -33.13
C ILE C 271 -18.74 13.28 -32.66
N ASP C 272 -18.86 12.20 -33.43
CA ASP C 272 -19.70 11.08 -33.03
C ASP C 272 -18.90 10.24 -32.03
N ALA C 273 -18.95 10.65 -30.77
CA ALA C 273 -18.06 10.12 -29.75
C ALA C 273 -18.57 8.85 -29.08
N GLY C 274 -19.75 8.40 -29.50
CA GLY C 274 -20.29 7.13 -29.07
C GLY C 274 -20.41 6.90 -27.58
N LEU C 275 -20.03 5.70 -27.17
CA LEU C 275 -20.09 5.26 -25.79
C LEU C 275 -18.76 4.66 -25.37
N PRO C 276 -18.55 4.54 -24.05
CA PRO C 276 -17.48 3.66 -23.58
C PRO C 276 -17.81 2.19 -23.78
N LYS C 277 -16.78 1.35 -23.75
CA LYS C 277 -16.98 -0.09 -23.82
C LYS C 277 -17.28 -0.64 -22.43
N ARG C 278 -18.39 -1.38 -22.31
CA ARG C 278 -18.72 -2.04 -21.05
C ARG C 278 -17.55 -2.96 -20.69
N PRO C 279 -17.23 -3.09 -19.40
CA PRO C 279 -18.05 -2.65 -18.29
C PRO C 279 -17.95 -1.18 -17.90
N PHE C 280 -17.15 -0.35 -18.58
CA PHE C 280 -17.26 1.10 -18.35
C PHE C 280 -18.70 1.53 -18.62
N LYS C 281 -19.25 2.35 -17.73
CA LYS C 281 -20.59 2.91 -17.90
C LYS C 281 -20.58 4.24 -18.67
N PRO C 282 -21.67 4.54 -19.37
CA PRO C 282 -21.76 5.82 -20.08
C PRO C 282 -21.68 7.01 -19.14
N PHE C 283 -21.30 8.15 -19.69
CA PHE C 283 -21.34 9.42 -18.96
C PHE C 283 -22.67 9.55 -18.23
N ASN C 284 -22.59 9.85 -16.93
CA ASN C 284 -23.77 10.07 -16.11
C ASN C 284 -24.28 11.49 -16.35
N GLU C 285 -25.53 11.59 -16.78
CA GLU C 285 -26.12 12.88 -17.14
C GLU C 285 -26.36 13.78 -15.94
N ALA C 286 -26.29 13.22 -14.72
CA ALA C 286 -26.23 14.03 -13.49
C ALA C 286 -25.12 15.09 -13.56
N HIS C 287 -24.04 14.78 -14.29
CA HIS C 287 -22.89 15.68 -14.47
C HIS C 287 -22.98 16.67 -15.65
N ARG C 288 -24.07 16.65 -16.41
CA ARG C 288 -24.15 17.39 -17.67
C ARG C 288 -23.99 18.89 -17.49
N GLN C 289 -24.71 19.45 -16.51
CA GLN C 289 -24.69 20.89 -16.27
C GLN C 289 -23.29 21.34 -15.86
N THR C 290 -22.66 20.58 -14.96
CA THR C 290 -21.28 20.86 -14.55
C THR C 290 -20.30 20.79 -15.74
N LEU C 291 -20.44 19.77 -16.58
CA LEU C 291 -19.59 19.64 -17.75
C LEU C 291 -19.81 20.81 -18.72
N ASP C 292 -21.06 21.19 -18.95
CA ASP C 292 -21.32 22.35 -19.82
C ASP C 292 -20.63 23.61 -19.30
N GLN C 293 -20.70 23.82 -17.99
CA GLN C 293 -20.03 24.98 -17.37
C GLN C 293 -18.52 24.92 -17.55
N LEU C 294 -17.96 23.72 -17.42
CA LEU C 294 -16.54 23.54 -17.62
C LEU C 294 -16.17 23.89 -19.06
N ILE C 295 -16.95 23.37 -20.01
CA ILE C 295 -16.64 23.57 -21.42
C ILE C 295 -16.68 25.07 -21.76
N ALA C 296 -17.68 25.76 -21.24
CA ALA C 296 -17.82 27.21 -21.46
C ALA C 296 -16.64 27.94 -20.84
N LYS C 297 -16.33 27.62 -19.59
CA LYS C 297 -15.30 28.34 -18.88
C LYS C 297 -13.94 28.26 -19.57
N TYR C 298 -13.55 27.08 -20.05
CA TYR C 298 -12.21 26.91 -20.60
C TYR C 298 -12.22 26.83 -22.13
N ASP C 299 -13.37 27.09 -22.75
CA ASP C 299 -13.49 27.13 -24.23
C ASP C 299 -13.06 25.79 -24.84
N LEU C 300 -13.63 24.71 -24.35
CA LEU C 300 -13.24 23.38 -24.82
C LEU C 300 -14.09 22.95 -26.00
N LYS D 10 6.15 -17.31 36.51
CA LYS D 10 4.83 -17.89 36.10
C LYS D 10 4.87 -18.35 34.65
N ASP D 11 4.03 -19.32 34.31
CA ASP D 11 3.77 -19.65 32.91
C ASP D 11 3.01 -18.47 32.29
N LEU D 12 3.43 -18.00 31.11
CA LEU D 12 2.76 -16.81 30.53
C LEU D 12 1.65 -17.11 29.55
N LYS D 13 1.33 -18.38 29.39
CA LYS D 13 0.21 -18.81 28.56
C LYS D 13 -1.08 -18.25 29.13
N GLY D 14 -2.05 -17.98 28.26
CA GLY D 14 -3.40 -17.65 28.68
C GLY D 14 -3.95 -16.41 27.99
N LEU D 15 -5.05 -15.91 28.53
CA LEU D 15 -5.80 -14.81 27.91
C LEU D 15 -5.65 -13.57 28.75
N TYR D 16 -5.30 -12.47 28.10
CA TYR D 16 -5.02 -11.23 28.77
C TYR D 16 -5.91 -10.11 28.24
N ALA D 17 -6.39 -9.26 29.14
CA ALA D 17 -6.93 -7.98 28.74
C ALA D 17 -5.82 -7.00 28.42
N ALA D 18 -5.91 -6.35 27.25
CA ALA D 18 -5.10 -5.20 26.97
C ALA D 18 -5.77 -4.06 27.72
N LEU D 19 -5.17 -3.64 28.82
CA LEU D 19 -5.83 -2.79 29.80
C LEU D 19 -6.14 -1.39 29.28
N LEU D 20 -7.43 -1.02 29.36
CA LEU D 20 -7.90 0.29 28.99
C LEU D 20 -7.68 1.25 30.15
N VAL D 21 -7.54 2.53 29.83
CA VAL D 21 -7.23 3.54 30.84
C VAL D 21 -8.25 4.67 30.77
N PRO D 22 -8.87 5.04 31.91
CA PRO D 22 -9.78 6.17 31.95
C PRO D 22 -9.07 7.48 32.28
N PHE D 23 -9.41 8.55 31.57
CA PHE D 23 -8.77 9.82 31.80
C PHE D 23 -9.77 10.86 32.24
N ASP D 24 -9.26 11.92 32.82
CA ASP D 24 -10.11 13.10 33.06
C ASP D 24 -10.04 14.05 31.90
N GLU D 25 -10.75 15.17 32.02
CA GLU D 25 -10.82 16.11 30.90
C GLU D 25 -9.47 16.75 30.52
N ASN D 26 -8.50 16.70 31.44
CA ASN D 26 -7.15 17.26 31.21
C ASN D 26 -6.13 16.21 30.79
N GLY D 27 -6.61 15.01 30.50
CA GLY D 27 -5.75 13.93 30.05
C GLY D 27 -4.96 13.27 31.18
N GLN D 28 -5.38 13.50 32.42
CA GLN D 28 -4.77 12.83 33.57
C GLN D 28 -5.45 11.51 33.87
N VAL D 29 -4.66 10.56 34.34
CA VAL D 29 -5.19 9.24 34.67
C VAL D 29 -6.17 9.32 35.84
N ASN D 30 -7.31 8.69 35.66
CA ASN D 30 -8.26 8.48 36.76
C ASN D 30 -7.90 7.16 37.45
N GLU D 31 -7.19 7.23 38.59
CA GLU D 31 -6.69 6.02 39.26
C GLU D 31 -7.80 5.11 39.78
N GLN D 32 -8.87 5.68 40.34
CA GLN D 32 -9.98 4.85 40.78
C GLN D 32 -10.57 4.05 39.65
N GLY D 33 -10.84 4.71 38.53
CA GLY D 33 -11.41 4.05 37.39
C GLY D 33 -10.45 2.99 36.87
N LEU D 34 -9.17 3.29 36.90
CA LEU D 34 -8.18 2.34 36.36
C LEU D 34 -8.17 1.06 37.18
N LYS D 35 -8.20 1.20 38.50
CA LYS D 35 -8.29 0.04 39.37
C LYS D 35 -9.54 -0.78 39.09
N GLN D 36 -10.67 -0.12 38.88
CA GLN D 36 -11.89 -0.80 38.57
C GLN D 36 -11.80 -1.54 37.24
N ILE D 37 -11.14 -0.96 36.25
CA ILE D 37 -11.01 -1.62 34.94
C ILE D 37 -10.10 -2.84 35.11
N ALA D 38 -8.98 -2.68 35.80
CA ALA D 38 -8.11 -3.83 36.08
C ALA D 38 -8.84 -4.96 36.81
N GLN D 39 -9.58 -4.60 37.85
CA GLN D 39 -10.38 -5.55 38.62
C GLN D 39 -11.47 -6.22 37.79
N ASN D 40 -12.12 -5.46 36.92
CA ASN D 40 -13.11 -6.04 36.03
C ASN D 40 -12.53 -7.13 35.12
N ALA D 41 -11.34 -6.89 34.61
CA ALA D 41 -10.75 -7.81 33.67
C ALA D 41 -10.49 -9.15 34.33
N ILE D 42 -10.03 -9.09 35.57
CA ILE D 42 -9.60 -10.28 36.30
C ILE D 42 -10.80 -10.94 37.00
N GLU D 43 -11.54 -10.16 37.77
CA GLU D 43 -12.59 -10.73 38.61
C GLU D 43 -13.87 -10.99 37.83
N THR D 44 -14.24 -10.09 36.91
CA THR D 44 -15.50 -10.26 36.17
C THR D 44 -15.34 -11.02 34.87
N GLU D 45 -14.34 -10.63 34.07
CA GLU D 45 -14.08 -11.31 32.81
C GLU D 45 -13.22 -12.59 32.94
N GLU D 46 -12.69 -12.82 34.15
CA GLU D 46 -12.00 -14.08 34.46
C GLU D 46 -10.77 -14.34 33.63
N LEU D 47 -10.02 -13.28 33.38
CA LEU D 47 -8.86 -13.38 32.49
C LEU D 47 -7.64 -13.78 33.30
N ASP D 48 -6.63 -14.27 32.61
CA ASP D 48 -5.42 -14.76 33.27
C ASP D 48 -4.47 -13.64 33.64
N GLY D 49 -4.55 -12.50 32.96
CA GLY D 49 -3.59 -11.44 33.17
C GLY D 49 -3.95 -10.13 32.50
N LEU D 50 -3.10 -9.15 32.71
CA LEU D 50 -3.21 -7.84 32.08
C LEU D 50 -1.97 -7.59 31.25
N TYR D 51 -2.18 -6.97 30.08
CA TYR D 51 -1.10 -6.43 29.23
C TYR D 51 -1.26 -4.94 29.40
N VAL D 52 -0.30 -4.33 30.08
CA VAL D 52 -0.44 -2.98 30.58
C VAL D 52 0.37 -2.01 29.73
N ASN D 53 -0.22 -0.84 29.43
CA ASN D 53 0.43 0.21 28.64
C ASN D 53 0.68 -0.20 27.19
N GLY D 54 -0.22 -1.04 26.70
CA GLY D 54 -0.29 -1.39 25.30
C GLY D 54 -0.97 -0.29 24.49
N SER D 55 -1.18 -0.57 23.22
CA SER D 55 -1.88 0.38 22.31
C SER D 55 -3.25 0.72 22.89
N SER D 56 -3.92 -0.29 23.45
CA SER D 56 -5.30 -0.17 24.00
C SER D 56 -5.38 0.72 25.22
N GLY D 57 -4.25 0.89 25.91
CA GLY D 57 -4.17 1.80 27.04
C GLY D 57 -3.86 3.23 26.68
N GLU D 58 -3.87 3.55 25.39
CA GLU D 58 -3.54 4.88 24.91
C GLU D 58 -2.10 5.26 25.33
N ASN D 59 -1.25 4.23 25.40
CA ASN D 59 0.09 4.37 25.95
C ASN D 59 0.91 5.42 25.23
N PHE D 60 0.75 5.48 23.90
CA PHE D 60 1.60 6.31 23.10
C PHE D 60 1.20 7.78 23.18
N LEU D 61 0.08 8.05 23.86
CA LEU D 61 -0.30 9.42 24.21
C LEU D 61 0.14 9.92 25.57
N LEU D 62 0.74 9.03 26.36
CA LEU D 62 1.11 9.31 27.75
C LEU D 62 2.54 9.83 27.91
N ASN D 63 2.77 10.57 28.98
CA ASN D 63 4.13 10.94 29.37
C ASN D 63 4.71 9.85 30.26
N THR D 64 6.02 9.91 30.51
CA THR D 64 6.67 8.85 31.25
C THR D 64 6.12 8.65 32.64
N GLU D 65 5.88 9.75 33.37
CA GLU D 65 5.32 9.61 34.71
C GLU D 65 3.92 8.97 34.71
N GLN D 66 3.10 9.26 33.69
CA GLN D 66 1.81 8.60 33.58
C GLN D 66 1.94 7.10 33.27
N LYS D 67 2.91 6.72 32.45
CA LYS D 67 3.11 5.32 32.16
C LYS D 67 3.47 4.56 33.46
N LYS D 68 4.36 5.16 34.25
CA LYS D 68 4.73 4.61 35.56
C LYS D 68 3.54 4.50 36.46
N GLN D 69 2.70 5.51 36.44
CA GLN D 69 1.46 5.53 37.22
C GLN D 69 0.54 4.37 36.88
N VAL D 70 0.33 4.14 35.58
CA VAL D 70 -0.49 3.05 35.17
C VAL D 70 0.11 1.69 35.58
N PHE D 71 1.42 1.55 35.44
CA PHE D 71 2.05 0.28 35.81
C PHE D 71 1.84 0.00 37.31
N LYS D 72 1.99 1.04 38.10
CA LYS D 72 1.89 0.94 39.58
C LYS D 72 0.47 0.63 40.01
N VAL D 73 -0.45 1.45 39.50
CA VAL D 73 -1.86 1.33 39.82
C VAL D 73 -2.44 -0.02 39.38
N ALA D 74 -2.15 -0.47 38.15
CA ALA D 74 -2.59 -1.78 37.71
C ALA D 74 -2.08 -2.93 38.57
N LYS D 75 -0.80 -2.89 38.92
CA LYS D 75 -0.18 -3.94 39.73
C LYS D 75 -0.87 -3.97 41.10
N GLU D 76 -1.04 -2.80 41.70
CA GLU D 76 -1.68 -2.65 43.03
C GLU D 76 -3.12 -3.12 43.04
N ALA D 77 -3.80 -2.95 41.92
CA ALA D 77 -5.22 -3.27 41.79
C ALA D 77 -5.57 -4.78 41.77
N VAL D 78 -4.60 -5.65 41.47
CA VAL D 78 -4.89 -7.07 41.26
C VAL D 78 -4.06 -8.02 42.12
N GLY D 79 -4.50 -9.28 42.20
CA GLY D 79 -3.86 -10.29 43.04
C GLY D 79 -2.54 -10.75 42.47
N ASP D 80 -1.61 -11.18 43.33
CA ASP D 80 -0.30 -11.61 42.86
C ASP D 80 -0.31 -12.90 42.04
N LYS D 81 -1.45 -13.61 41.99
CA LYS D 81 -1.57 -14.75 41.06
C LYS D 81 -1.93 -14.36 39.61
N VAL D 82 -2.17 -13.07 39.39
CA VAL D 82 -2.44 -12.57 38.04
C VAL D 82 -1.10 -12.36 37.27
N LYS D 83 -1.10 -12.76 36.00
CA LYS D 83 0.06 -12.58 35.13
C LYS D 83 0.08 -11.13 34.62
N LEU D 84 1.23 -10.49 34.64
CA LEU D 84 1.33 -9.10 34.23
C LEU D 84 2.44 -8.91 33.23
N ILE D 85 2.07 -8.39 32.06
CA ILE D 85 3.05 -8.04 31.03
C ILE D 85 3.06 -6.55 30.85
N ALA D 86 4.25 -5.97 30.87
CA ALA D 86 4.43 -4.55 30.77
C ALA D 86 4.91 -4.15 29.39
N GLN D 87 4.07 -3.45 28.62
CA GLN D 87 4.51 -2.88 27.33
C GLN D 87 5.27 -1.59 27.58
N VAL D 88 6.57 -1.59 27.25
CA VAL D 88 7.48 -0.49 27.52
C VAL D 88 8.13 0.12 26.28
N GLY D 89 7.82 -0.44 25.11
CA GLY D 89 8.24 0.14 23.86
C GLY D 89 7.86 1.60 23.74
N SER D 90 8.77 2.34 23.13
CA SER D 90 8.66 3.77 22.99
C SER D 90 9.68 4.09 21.95
N LEU D 91 9.49 5.18 21.22
CA LEU D 91 10.52 5.58 20.29
C LEU D 91 11.75 6.08 21.05
N ASP D 92 11.60 6.43 22.33
CA ASP D 92 12.71 6.90 23.17
C ASP D 92 13.25 5.67 23.88
N LEU D 93 14.37 5.16 23.39
CA LEU D 93 14.99 3.98 24.00
C LEU D 93 15.36 4.18 25.47
N ASN D 94 15.82 5.37 25.84
CA ASN D 94 16.08 5.67 27.25
C ASN D 94 14.82 5.52 28.11
N GLU D 95 13.69 5.96 27.54
CA GLU D 95 12.40 5.82 28.20
C GLU D 95 12.00 4.37 28.31
N ALA D 96 12.18 3.58 27.24
CA ALA D 96 11.82 2.18 27.26
C ALA D 96 12.60 1.45 28.35
N ILE D 97 13.88 1.81 28.47
CA ILE D 97 14.72 1.18 29.50
C ILE D 97 14.27 1.61 30.90
N GLU D 98 14.01 2.88 31.08
CA GLU D 98 13.56 3.41 32.37
C GLU D 98 12.30 2.67 32.80
N LEU D 99 11.34 2.57 31.88
CA LEU D 99 10.09 1.89 32.14
C LEU D 99 10.24 0.39 32.35
N GLY D 100 11.13 -0.26 31.60
CA GLY D 100 11.36 -1.67 31.74
C GLY D 100 11.96 -1.95 33.13
N LYS D 101 12.87 -1.09 33.58
CA LYS D 101 13.47 -1.24 34.93
C LYS D 101 12.42 -1.06 36.01
N TYR D 102 11.59 -0.01 35.84
CA TYR D 102 10.50 0.26 36.78
C TYR D 102 9.49 -0.89 36.89
N ALA D 103 9.00 -1.38 35.74
CA ALA D 103 8.06 -2.48 35.71
C ALA D 103 8.68 -3.75 36.27
N THR D 104 9.95 -3.96 36.01
CA THR D 104 10.59 -5.16 36.49
C THR D 104 10.68 -5.09 38.04
N GLU D 105 11.04 -3.92 38.54
CA GLU D 105 11.13 -3.67 40.00
C GLU D 105 9.79 -3.86 40.68
N LEU D 106 8.71 -3.47 39.99
CA LEU D 106 7.37 -3.70 40.47
C LEU D 106 6.96 -5.15 40.48
N GLY D 107 7.64 -5.99 39.70
CA GLY D 107 7.34 -7.41 39.65
C GLY D 107 6.54 -7.88 38.45
N TYR D 108 6.52 -7.10 37.36
CA TYR D 108 5.90 -7.59 36.13
C TYR D 108 6.61 -8.84 35.63
N ASP D 109 5.84 -9.81 35.17
CA ASP D 109 6.38 -11.13 34.77
C ASP D 109 7.19 -11.11 33.49
N ALA D 110 6.89 -10.16 32.61
CA ALA D 110 7.64 -10.00 31.36
C ALA D 110 7.43 -8.59 30.85
N LEU D 111 8.35 -8.14 30.02
CA LEU D 111 8.21 -6.91 29.29
C LEU D 111 7.80 -7.24 27.86
N SER D 112 7.30 -6.20 27.20
CA SER D 112 6.95 -6.27 25.80
C SER D 112 7.28 -4.93 25.16
N ALA D 113 7.60 -4.93 23.87
CA ALA D 113 7.92 -3.70 23.21
C ALA D 113 7.50 -3.72 21.77
N VAL D 114 6.78 -2.67 21.38
CA VAL D 114 6.36 -2.50 19.99
C VAL D 114 7.62 -2.31 19.13
N THR D 115 7.59 -2.83 17.91
CA THR D 115 8.68 -2.54 16.98
C THR D 115 8.76 -1.02 16.80
N PRO D 116 9.97 -0.45 16.87
CA PRO D 116 10.12 0.97 16.61
C PRO D 116 9.51 1.39 15.28
N PHE D 117 8.80 2.51 15.31
CA PHE D 117 8.01 2.95 14.17
C PHE D 117 8.31 4.42 13.83
N TYR D 118 7.52 4.98 12.92
CA TYR D 118 7.68 6.36 12.41
C TYR D 118 8.90 6.46 11.50
N TYR D 119 10.11 6.43 12.08
CA TYR D 119 11.30 6.38 11.23
C TYR D 119 11.48 5.03 10.54
N PRO D 120 12.08 5.04 9.33
CA PRO D 120 12.34 3.78 8.63
C PRO D 120 13.60 3.09 9.16
N PHE D 121 13.56 2.66 10.41
CA PHE D 121 14.68 1.93 11.04
C PHE D 121 15.00 0.67 10.24
N THR D 122 16.27 0.33 10.17
CA THR D 122 16.66 -0.95 9.57
C THR D 122 16.36 -2.10 10.51
N PHE D 123 16.33 -3.32 10.00
CA PHE D 123 16.13 -4.43 10.92
C PHE D 123 17.23 -4.52 12.01
N GLU D 124 18.47 -4.24 11.66
CA GLU D 124 19.55 -4.28 12.63
C GLU D 124 19.25 -3.29 13.76
N GLU D 125 18.74 -2.12 13.38
CA GLU D 125 18.41 -1.11 14.38
C GLU D 125 17.30 -1.60 15.30
N ILE D 126 16.29 -2.22 14.69
CA ILE D 126 15.19 -2.81 15.47
C ILE D 126 15.68 -3.91 16.41
N ARG D 127 16.52 -4.81 15.88
CA ARG D 127 17.07 -5.87 16.69
C ARG D 127 17.81 -5.33 17.90
N ASP D 128 18.63 -4.32 17.70
CA ASP D 128 19.44 -3.86 18.78
C ASP D 128 18.66 -3.04 19.79
N TYR D 129 17.55 -2.47 19.34
CA TYR D 129 16.60 -1.89 20.31
C TYR D 129 16.13 -2.94 21.30
N TYR D 130 15.71 -4.09 20.82
CA TYR D 130 15.25 -5.16 21.70
C TYR D 130 16.40 -5.66 22.58
N PHE D 131 17.56 -5.84 21.96
CA PHE D 131 18.69 -6.42 22.71
C PHE D 131 19.16 -5.44 23.80
N ASP D 132 19.15 -4.15 23.49
CA ASP D 132 19.50 -3.09 24.45
C ASP D 132 18.53 -3.05 25.62
N ILE D 133 17.22 -3.15 25.35
CA ILE D 133 16.27 -3.18 26.45
C ILE D 133 16.48 -4.38 27.38
N ILE D 134 16.66 -5.57 26.81
CA ILE D 134 16.86 -6.77 27.54
C ILE D 134 18.11 -6.69 28.42
N GLU D 135 19.20 -6.22 27.86
CA GLU D 135 20.45 -6.17 28.63
C GLU D 135 20.36 -5.21 29.80
N ALA D 136 19.66 -4.09 29.62
CA ALA D 136 19.47 -3.10 30.68
C ALA D 136 18.50 -3.54 31.78
N THR D 137 17.50 -4.34 31.44
CA THR D 137 16.45 -4.71 32.38
C THR D 137 16.59 -6.10 32.97
N GLN D 138 17.25 -6.98 32.22
CA GLN D 138 17.40 -8.40 32.55
C GLN D 138 16.08 -9.13 32.71
N ASN D 139 15.02 -8.64 32.08
CA ASN D 139 13.74 -9.32 32.14
C ASN D 139 13.48 -10.01 30.80
N ASN D 140 12.51 -10.90 30.80
CA ASN D 140 12.09 -11.54 29.56
C ASN D 140 11.29 -10.55 28.73
N MET D 141 11.37 -10.72 27.42
CA MET D 141 10.84 -9.78 26.42
C MET D 141 9.95 -10.49 25.42
N ILE D 142 8.79 -9.88 25.15
CA ILE D 142 7.83 -10.33 24.15
C ILE D 142 7.77 -9.25 23.05
N ILE D 143 8.07 -9.64 21.81
CA ILE D 143 8.01 -8.73 20.68
C ILE D 143 6.56 -8.39 20.45
N TYR D 144 6.27 -7.12 20.23
CA TYR D 144 4.89 -6.69 19.91
C TYR D 144 4.92 -6.26 18.44
N ALA D 145 4.32 -7.09 17.60
CA ALA D 145 4.35 -6.88 16.17
C ALA D 145 2.93 -6.47 15.75
N ILE D 146 2.81 -5.27 15.22
CA ILE D 146 1.51 -4.72 14.81
C ILE D 146 1.68 -3.93 13.50
N PRO D 147 1.93 -4.67 12.40
CA PRO D 147 2.28 -4.06 11.12
C PRO D 147 1.26 -3.07 10.59
N ASP D 148 -0.03 -3.25 10.91
CA ASP D 148 -1.07 -2.33 10.41
C ASP D 148 -0.97 -0.91 10.98
N LEU D 149 -0.38 -0.77 12.17
CA LEU D 149 -0.13 0.53 12.76
C LEU D 149 1.32 0.99 12.54
N THR D 150 2.28 0.08 12.54
CA THR D 150 3.70 0.48 12.44
C THR D 150 4.27 0.53 11.02
N GLY D 151 3.67 -0.24 10.12
CA GLY D 151 4.20 -0.46 8.79
C GLY D 151 5.48 -1.26 8.78
N VAL D 152 5.77 -1.94 9.89
CA VAL D 152 6.98 -2.71 10.02
C VAL D 152 6.56 -4.14 9.85
N ASN D 153 7.20 -4.84 8.93
CA ASN D 153 7.01 -6.26 8.77
C ASN D 153 8.28 -7.01 9.14
N ILE D 154 8.11 -8.01 9.99
CA ILE D 154 9.18 -8.86 10.43
C ILE D 154 9.04 -10.22 9.73
N SER D 155 10.08 -10.60 8.99
CA SER D 155 10.09 -11.84 8.24
C SER D 155 10.40 -13.04 9.14
N ILE D 156 10.17 -14.22 8.61
CA ILE D 156 10.51 -15.44 9.33
C ILE D 156 12.00 -15.49 9.68
N GLU D 157 12.88 -15.06 8.76
CA GLU D 157 14.34 -15.05 9.03
C GLU D 157 14.72 -14.06 10.12
N GLN D 158 13.97 -12.96 10.18
CA GLN D 158 14.24 -11.91 11.15
C GLN D 158 13.76 -12.35 12.53
N PHE D 159 12.58 -12.96 12.58
CA PHE D 159 12.10 -13.58 13.81
C PHE D 159 13.12 -14.58 14.32
N SER D 160 13.71 -15.34 13.42
CA SER D 160 14.69 -16.33 13.81
C SER D 160 15.88 -15.69 14.47
N GLU D 161 16.29 -14.54 13.95
CA GLU D 161 17.39 -13.79 14.56
C GLU D 161 17.02 -13.22 15.94
N LEU D 162 15.78 -12.77 16.11
CA LEU D 162 15.33 -12.28 17.42
C LEU D 162 15.24 -13.42 18.44
N PHE D 163 14.64 -14.53 18.03
CA PHE D 163 14.36 -15.65 18.94
C PHE D 163 15.60 -16.44 19.30
N ASN D 164 16.70 -16.19 18.60
CA ASN D 164 17.99 -16.70 19.04
C ASN D 164 18.41 -16.17 20.42
N HIS D 165 17.84 -15.04 20.83
CA HIS D 165 18.13 -14.49 22.14
C HIS D 165 17.28 -15.22 23.17
N GLU D 166 17.91 -15.81 24.19
CA GLU D 166 17.16 -16.62 25.17
C GLU D 166 16.11 -15.81 25.96
N LYS D 167 16.33 -14.50 26.11
CA LYS D 167 15.37 -13.63 26.81
C LYS D 167 14.27 -13.08 25.91
N ILE D 168 14.33 -13.31 24.60
CA ILE D 168 13.15 -13.05 23.75
C ILE D 168 12.30 -14.31 23.74
N VAL D 169 11.29 -14.30 24.61
CA VAL D 169 10.51 -15.51 24.89
C VAL D 169 9.29 -15.69 24.03
N GLY D 170 8.91 -14.69 23.26
CA GLY D 170 7.71 -14.80 22.47
C GLY D 170 7.35 -13.55 21.72
N VAL D 171 6.14 -13.57 21.20
CA VAL D 171 5.64 -12.50 20.35
C VAL D 171 4.14 -12.34 20.60
N KPI D 172 3.71 -11.09 20.65
CA KPI D 172 2.30 -10.67 20.57
CB KPI D 172 1.95 -9.45 21.46
CG KPI D 172 0.51 -8.95 21.14
CD KPI D 172 0.25 -7.73 22.04
CE KPI D 172 -1.17 -7.24 21.69
NZ KPI D 172 -1.34 -5.91 22.28
CX1 KPI D 172 -2.52 -5.24 22.33
C1 KPI D 172 -3.85 -5.90 21.91
CX2 KPI D 172 -2.50 -3.77 22.78
O1 KPI D 172 -3.56 -3.02 22.83
O2 KPI D 172 -1.37 -3.26 23.04
C KPI D 172 2.11 -10.35 19.08
O KPI D 172 2.63 -9.36 18.61
N TYR D 173 1.40 -11.21 18.37
CA TYR D 173 1.29 -11.16 16.91
C TYR D 173 -0.07 -10.56 16.58
N THR D 174 -0.10 -9.26 16.25
CA THR D 174 -1.35 -8.57 15.88
C THR D 174 -1.27 -8.32 14.39
N ALA D 175 -1.50 -9.35 13.60
CA ALA D 175 -1.37 -9.22 12.15
C ALA D 175 -2.27 -10.22 11.54
N PRO D 176 -2.78 -9.92 10.34
CA PRO D 176 -3.83 -10.80 9.82
C PRO D 176 -3.33 -12.07 9.10
N ASN D 177 -2.03 -12.25 8.93
CA ASN D 177 -1.57 -13.30 8.03
C ASN D 177 -1.29 -14.63 8.68
N PHE D 178 -2.16 -15.60 8.39
CA PHE D 178 -2.05 -16.94 8.95
C PHE D 178 -1.03 -17.90 8.33
N PHE D 179 -0.50 -17.56 7.17
CA PHE D 179 0.62 -18.33 6.61
C PHE D 179 1.82 -18.01 7.47
N LEU D 180 2.07 -16.72 7.68
CA LEU D 180 3.20 -16.30 8.49
C LEU D 180 3.07 -16.83 9.91
N LEU D 181 1.87 -16.77 10.48
CA LEU D 181 1.67 -17.29 11.85
C LEU D 181 2.00 -18.77 11.92
N GLU D 182 1.56 -19.54 10.94
CA GLU D 182 1.83 -20.96 10.92
C GLU D 182 3.33 -21.24 10.78
N ARG D 183 4.02 -20.45 9.95
CA ARG D 183 5.45 -20.62 9.75
C ARG D 183 6.23 -20.37 11.04
N ILE D 184 5.85 -19.30 11.75
CA ILE D 184 6.40 -18.96 13.07
C ILE D 184 6.15 -20.07 14.07
N ARG D 185 4.92 -20.57 14.11
CA ARG D 185 4.53 -21.58 15.07
C ARG D 185 5.37 -22.82 14.92
N LYS D 186 5.63 -23.25 13.69
CA LYS D 186 6.38 -24.49 13.52
C LYS D 186 7.88 -24.25 13.60
N ALA D 187 8.35 -23.06 13.25
CA ALA D 187 9.79 -22.75 13.37
C ALA D 187 10.23 -22.55 14.81
N PHE D 188 9.31 -22.11 15.65
CA PHE D 188 9.65 -21.74 17.04
C PHE D 188 8.63 -22.38 17.99
N PRO D 189 8.65 -23.72 18.09
CA PRO D 189 7.65 -24.45 18.87
C PRO D 189 7.83 -24.21 20.36
N ASP D 190 9.01 -23.73 20.75
CA ASP D 190 9.39 -23.46 22.13
C ASP D 190 9.08 -22.04 22.60
N LYS D 191 8.63 -21.17 21.72
CA LYS D 191 8.41 -19.78 22.09
C LYS D 191 6.92 -19.51 22.35
N LEU D 192 6.63 -18.42 23.05
CA LEU D 192 5.23 -18.07 23.37
C LEU D 192 4.66 -17.24 22.21
N ILE D 193 3.51 -17.63 21.69
CA ILE D 193 2.84 -16.80 20.68
C ILE D 193 1.50 -16.42 21.26
N LEU D 194 1.30 -15.13 21.45
CA LEU D 194 0.02 -14.62 21.87
C LEU D 194 -0.59 -13.80 20.72
N SER D 195 -1.80 -14.17 20.31
CA SER D 195 -2.45 -13.47 19.22
CA SER D 195 -2.49 -13.49 19.24
C SER D 195 -3.11 -12.18 19.70
N GLY D 196 -2.99 -11.15 18.86
CA GLY D 196 -3.55 -9.83 19.12
C GLY D 196 -4.80 -9.43 18.34
OAK P9S D 197 -6.51 -7.18 10.53
CAI P9S D 197 -6.84 -7.20 11.90
CAH P9S D 197 -5.52 -7.55 12.61
OAJ P9S D 197 -4.57 -6.50 12.45
CAG P9S D 197 -5.79 -7.76 14.09
SAF P9S D 197 -5.06 -9.41 14.51
CB P9S D 197 -6.45 -10.34 15.20
CA P9S D 197 -6.55 -9.95 16.67
N P9S D 197 -5.34 -10.29 17.46
C P9S D 197 -7.79 -10.69 17.22
O P9S D 197 -8.04 -11.87 16.92
N ASP D 198 -8.57 -9.97 18.02
CA ASP D 198 -9.68 -10.59 18.77
C ASP D 198 -10.66 -11.23 17.79
N GLU D 199 -10.82 -10.60 16.63
CA GLU D 199 -11.78 -11.07 15.64
C GLU D 199 -11.34 -12.34 14.90
N MET D 200 -10.11 -12.79 15.12
CA MET D 200 -9.65 -14.03 14.53
C MET D 200 -9.14 -14.97 15.62
N LEU D 201 -9.67 -14.83 16.82
CA LEU D 201 -9.25 -15.71 17.93
C LEU D 201 -9.37 -17.20 17.60
N VAL D 202 -10.51 -17.62 17.06
CA VAL D 202 -10.74 -19.04 16.78
C VAL D 202 -9.72 -19.58 15.78
N GLN D 203 -9.39 -18.78 14.76
CA GLN D 203 -8.40 -19.22 13.77
C GLN D 203 -6.99 -19.28 14.38
N ALA D 204 -6.67 -18.30 15.23
CA ALA D 204 -5.38 -18.24 15.90
C ALA D 204 -5.25 -19.45 16.82
N THR D 205 -6.34 -19.79 17.50
CA THR D 205 -6.32 -20.90 18.45
C THR D 205 -5.97 -22.19 17.75
N ILE D 206 -6.60 -22.47 16.61
CA ILE D 206 -6.33 -23.72 15.92
C ILE D 206 -4.96 -23.71 15.23
N SER D 207 -4.39 -22.50 15.10
CA SER D 207 -3.03 -22.32 14.58
C SER D 207 -1.95 -22.42 15.68
N GLY D 208 -2.39 -22.78 16.87
CA GLY D 208 -1.52 -23.17 17.96
C GLY D 208 -0.96 -22.05 18.80
N VAL D 209 -1.64 -20.90 18.84
CA VAL D 209 -1.21 -19.87 19.75
C VAL D 209 -1.37 -20.36 21.20
N ASP D 210 -0.56 -19.77 22.06
CA ASP D 210 -0.51 -20.11 23.49
C ASP D 210 -1.48 -19.29 24.33
N GLY D 211 -2.18 -18.38 23.65
CA GLY D 211 -3.11 -17.48 24.30
C GLY D 211 -3.29 -16.25 23.45
N ALA D 212 -3.80 -15.20 24.05
CA ALA D 212 -4.20 -14.03 23.29
C ALA D 212 -4.27 -12.82 24.18
N ILE D 213 -4.11 -11.66 23.58
CA ILE D 213 -4.13 -10.38 24.26
C ILE D 213 -5.06 -9.48 23.47
N GLY D 214 -6.03 -8.85 24.13
CA GLY D 214 -7.03 -8.12 23.36
C GLY D 214 -7.74 -7.04 24.12
N SER D 215 -8.07 -5.93 23.45
CA SER D 215 -8.88 -4.88 24.10
C SER D 215 -10.31 -5.35 24.38
N THR D 216 -10.87 -6.18 23.51
CA THR D 216 -12.30 -6.50 23.65
C THR D 216 -12.50 -7.48 24.80
N TYR D 217 -11.41 -8.10 25.28
CA TYR D 217 -11.56 -9.04 26.37
C TYR D 217 -11.91 -8.30 27.68
N ASN D 218 -11.75 -6.97 27.73
CA ASN D 218 -12.21 -6.16 28.87
C ASN D 218 -13.73 -6.27 29.05
N VAL D 219 -14.44 -6.55 27.96
CA VAL D 219 -15.90 -6.66 27.99
C VAL D 219 -16.43 -8.01 27.53
N ASN D 220 -15.61 -8.84 26.89
CA ASN D 220 -16.07 -10.09 26.30
C ASN D 220 -15.12 -11.26 26.61
N GLY D 221 -14.42 -11.20 27.74
CA GLY D 221 -13.41 -12.19 28.07
C GLY D 221 -13.94 -13.59 28.36
N ARG D 222 -15.17 -13.64 28.84
CA ARG D 222 -15.83 -14.92 29.09
C ARG D 222 -16.15 -15.70 27.83
N ARG D 223 -16.65 -15.01 26.79
CA ARG D 223 -16.84 -15.65 25.50
C ARG D 223 -15.53 -16.05 24.89
N ALA D 224 -14.55 -15.15 24.98
CA ALA D 224 -13.21 -15.44 24.46
C ALA D 224 -12.62 -16.72 25.05
N ARG D 225 -12.75 -16.90 26.36
CA ARG D 225 -12.23 -18.11 26.98
C ARG D 225 -12.90 -19.36 26.41
N LYS D 226 -14.22 -19.29 26.23
CA LYS D 226 -14.94 -20.42 25.64
C LYS D 226 -14.50 -20.71 24.21
N ILE D 227 -14.22 -19.67 23.42
CA ILE D 227 -13.72 -19.91 22.08
C ILE D 227 -12.42 -20.67 22.12
N PHE D 228 -11.50 -20.17 22.95
CA PHE D 228 -10.16 -20.71 23.08
C PHE D 228 -10.23 -22.16 23.56
N ASP D 229 -10.96 -22.36 24.64
CA ASP D 229 -11.12 -23.72 25.21
C ASP D 229 -11.81 -24.71 24.27
N LEU D 230 -12.99 -24.35 23.77
CA LEU D 230 -13.73 -25.23 22.87
C LEU D 230 -12.96 -25.61 21.60
N ALA D 231 -12.24 -24.64 21.03
CA ALA D 231 -11.52 -24.92 19.81
C ALA D 231 -10.39 -25.91 20.06
N ARG D 232 -9.71 -25.78 21.19
CA ARG D 232 -8.64 -26.71 21.53
C ARG D 232 -9.17 -28.11 21.88
N GLN D 233 -10.42 -28.17 22.38
CA GLN D 233 -11.09 -29.45 22.64
C GLN D 233 -11.71 -30.07 21.40
N GLY D 234 -11.58 -29.40 20.25
CA GLY D 234 -12.14 -29.88 19.01
C GLY D 234 -13.61 -29.56 18.82
N GLN D 235 -14.23 -28.83 19.74
CA GLN D 235 -15.65 -28.46 19.58
C GLN D 235 -15.72 -27.18 18.73
N ILE D 236 -15.36 -27.37 17.48
CA ILE D 236 -15.04 -26.24 16.62
C ILE D 236 -16.30 -25.50 16.16
N GLN D 237 -17.39 -26.22 15.94
CA GLN D 237 -18.63 -25.55 15.54
C GLN D 237 -19.18 -24.65 16.64
N GLU D 238 -19.16 -25.10 17.90
CA GLU D 238 -19.59 -24.21 18.97
C GLU D 238 -18.59 -23.03 19.14
N ALA D 239 -17.30 -23.30 19.03
CA ALA D 239 -16.28 -22.25 19.16
C ALA D 239 -16.51 -21.17 18.10
N TYR D 240 -16.69 -21.61 16.86
CA TYR D 240 -16.94 -20.66 15.74
C TYR D 240 -18.25 -19.89 15.91
N GLN D 241 -19.31 -20.53 16.40
CA GLN D 241 -20.52 -19.77 16.72
C GLN D 241 -20.26 -18.65 17.71
N LEU D 242 -19.48 -18.91 18.74
CA LEU D 242 -19.13 -17.89 19.70
C LEU D 242 -18.27 -16.80 19.04
N GLN D 243 -17.44 -17.18 18.08
CA GLN D 243 -16.69 -16.19 17.29
C GLN D 243 -17.65 -15.30 16.51
N HIS D 244 -18.73 -15.87 15.95
CA HIS D 244 -19.72 -15.05 15.24
C HIS D 244 -20.26 -14.02 16.19
N ASP D 245 -20.65 -14.42 17.41
CA ASP D 245 -21.21 -13.48 18.35
C ASP D 245 -20.20 -12.41 18.77
N SER D 246 -18.98 -12.85 19.03
CA SER D 246 -17.92 -11.91 19.38
C SER D 246 -17.68 -10.91 18.24
N ASN D 247 -17.73 -11.38 17.01
CA ASN D 247 -17.45 -10.53 15.87
C ASN D 247 -18.58 -9.54 15.58
N ASP D 248 -19.81 -9.89 15.94
CA ASP D 248 -20.90 -8.90 15.96
C ASP D 248 -20.55 -7.76 16.89
N ILE D 249 -20.06 -8.10 18.09
CA ILE D 249 -19.64 -7.09 19.07
C ILE D 249 -18.47 -6.28 18.52
N ILE D 250 -17.47 -6.97 17.99
CA ILE D 250 -16.24 -6.31 17.54
C ILE D 250 -16.51 -5.41 16.34
N GLU D 251 -17.26 -5.90 15.36
CA GLU D 251 -17.62 -5.07 14.21
C GLU D 251 -18.34 -3.80 14.67
N THR D 252 -19.27 -3.96 15.61
CA THR D 252 -19.97 -2.80 16.14
C THR D 252 -19.08 -1.78 16.84
N VAL D 253 -18.25 -2.23 17.79
CA VAL D 253 -17.41 -1.28 18.53
C VAL D 253 -16.37 -0.62 17.62
N LEU D 254 -15.86 -1.38 16.64
CA LEU D 254 -14.92 -0.81 15.65
C LEU D 254 -15.60 0.33 14.89
N SER D 255 -16.86 0.13 14.53
CA SER D 255 -17.61 1.13 13.79
C SER D 255 -17.89 2.39 14.60
N MET D 256 -17.94 2.27 15.93
CA MET D 256 -18.24 3.39 16.80
C MET D 256 -17.01 4.08 17.35
N GLY D 257 -15.84 3.46 17.23
CA GLY D 257 -14.63 3.99 17.88
C GLY D 257 -14.29 3.13 19.09
N ILE D 258 -13.35 2.22 18.89
CA ILE D 258 -13.21 1.06 19.79
C ILE D 258 -12.87 1.42 21.22
N TYR D 259 -11.82 2.20 21.49
CA TYR D 259 -11.44 2.39 22.89
C TYR D 259 -12.50 3.18 23.70
N PRO D 260 -13.02 4.30 23.16
CA PRO D 260 -14.09 4.98 23.91
C PRO D 260 -15.33 4.12 24.11
N THR D 261 -15.67 3.34 23.08
CA THR D 261 -16.85 2.48 23.13
C THR D 261 -16.68 1.37 24.18
N LEU D 262 -15.52 0.73 24.19
CA LEU D 262 -15.28 -0.30 25.20
C LEU D 262 -15.42 0.28 26.61
N LYS D 263 -14.90 1.46 26.82
CA LYS D 263 -14.98 2.14 28.12
C LYS D 263 -16.43 2.52 28.46
N GLU D 264 -17.23 2.88 27.46
CA GLU D 264 -18.67 3.12 27.72
C GLU D 264 -19.43 1.86 28.13
N ILE D 265 -19.11 0.72 27.53
CA ILE D 265 -19.65 -0.56 27.97
C ILE D 265 -19.28 -0.77 29.44
N LEU D 266 -18.03 -0.50 29.78
CA LEU D 266 -17.62 -0.62 31.18
C LEU D 266 -18.36 0.32 32.11
N ARG D 267 -18.68 1.52 31.63
CA ARG D 267 -19.40 2.48 32.46
C ARG D 267 -20.76 1.92 32.87
N HIS D 268 -21.36 1.13 32.01
CA HIS D 268 -22.67 0.52 32.26
C HIS D 268 -22.60 -0.47 33.42
N ARG D 269 -21.40 -1.00 33.70
CA ARG D 269 -21.16 -1.85 34.87
C ARG D 269 -20.90 -1.06 36.17
N GLY D 270 -21.01 0.25 36.13
CA GLY D 270 -20.74 1.09 37.28
C GLY D 270 -19.29 1.48 37.42
N ILE D 271 -18.51 1.28 36.35
CA ILE D 271 -17.11 1.66 36.38
C ILE D 271 -16.91 3.14 36.00
N ASP D 272 -16.03 3.82 36.72
CA ASP D 272 -15.69 5.21 36.47
C ASP D 272 -14.78 5.29 35.25
N ALA D 273 -15.38 5.16 34.08
CA ALA D 273 -14.64 4.96 32.83
C ALA D 273 -14.10 6.23 32.19
N GLY D 274 -14.43 7.38 32.75
CA GLY D 274 -13.85 8.64 32.33
C GLY D 274 -13.96 8.96 30.85
N LEU D 275 -12.88 9.50 30.31
CA LEU D 275 -12.81 9.92 28.92
C LEU D 275 -11.56 9.31 28.27
N PRO D 276 -11.56 9.22 26.94
CA PRO D 276 -10.30 9.04 26.23
C PRO D 276 -9.40 10.26 26.38
N LYS D 277 -8.11 10.06 26.14
CA LYS D 277 -7.14 11.13 26.16
C LYS D 277 -7.11 11.80 24.80
N ARG D 278 -7.28 13.10 24.79
CA ARG D 278 -7.17 13.85 23.53
C ARG D 278 -5.78 13.60 22.95
N PRO D 279 -5.68 13.46 21.63
CA PRO D 279 -6.68 13.87 20.65
C PRO D 279 -7.76 12.86 20.29
N PHE D 280 -7.83 11.69 20.92
CA PHE D 280 -9.06 10.88 20.80
C PHE D 280 -10.24 11.68 21.32
N LYS D 281 -11.35 11.66 20.59
CA LYS D 281 -12.57 12.31 21.05
C LYS D 281 -13.41 11.31 21.86
N PRO D 282 -14.27 11.84 22.75
CA PRO D 282 -15.17 11.00 23.51
C PRO D 282 -16.12 10.25 22.61
N PHE D 283 -16.70 9.19 23.15
CA PHE D 283 -17.69 8.39 22.48
C PHE D 283 -18.73 9.34 21.89
N ASN D 284 -19.07 9.10 20.63
CA ASN D 284 -20.04 9.93 19.92
C ASN D 284 -21.44 9.41 20.25
N GLU D 285 -22.25 10.29 20.81
CA GLU D 285 -23.57 9.86 21.33
C GLU D 285 -24.55 9.52 20.22
N ALA D 286 -24.21 9.80 18.96
CA ALA D 286 -24.96 9.19 17.85
C ALA D 286 -24.98 7.67 17.88
N HIS D 287 -24.02 7.06 18.58
CA HIS D 287 -23.95 5.61 18.63
C HIS D 287 -24.58 5.02 19.87
N ARG D 288 -25.13 5.87 20.73
CA ARG D 288 -25.58 5.43 22.06
C ARG D 288 -26.70 4.43 21.98
N GLN D 289 -27.69 4.72 21.14
CA GLN D 289 -28.83 3.85 21.03
C GLN D 289 -28.44 2.44 20.60
N THR D 290 -27.61 2.36 19.57
CA THR D 290 -27.09 1.10 19.05
C THR D 290 -26.23 0.40 20.11
N LEU D 291 -25.42 1.15 20.84
CA LEU D 291 -24.56 0.53 21.88
C LEU D 291 -25.38 -0.07 22.99
N ASP D 292 -26.41 0.65 23.44
CA ASP D 292 -27.23 0.14 24.53
C ASP D 292 -27.97 -1.12 24.09
N GLN D 293 -28.38 -1.20 22.83
CA GLN D 293 -29.00 -2.41 22.35
C GLN D 293 -28.02 -3.58 22.20
N LEU D 294 -26.78 -3.28 21.81
CA LEU D 294 -25.72 -4.29 21.77
C LEU D 294 -25.45 -4.86 23.16
N ILE D 295 -25.34 -3.98 24.16
CA ILE D 295 -25.09 -4.40 25.53
C ILE D 295 -26.20 -5.34 25.98
N ALA D 296 -27.45 -4.94 25.70
CA ALA D 296 -28.61 -5.76 26.09
C ALA D 296 -28.59 -7.11 25.39
N LYS D 297 -28.38 -7.12 24.08
CA LYS D 297 -28.45 -8.34 23.27
C LYS D 297 -27.39 -9.38 23.63
N TYR D 298 -26.19 -8.91 23.93
CA TYR D 298 -25.08 -9.81 24.18
C TYR D 298 -24.74 -9.92 25.65
N ASP D 299 -25.52 -9.23 26.50
CA ASP D 299 -25.39 -9.28 27.94
C ASP D 299 -24.00 -8.81 28.38
N LEU D 300 -23.59 -7.64 27.90
CA LEU D 300 -22.26 -7.12 28.23
C LEU D 300 -22.28 -6.27 29.50
C1 PEG E . 0.81 2.78 8.84
O1 PEG E . 0.05 1.74 8.23
C2 PEG E . 2.26 2.61 8.45
O2 PEG E . 2.83 3.88 8.19
C3 PEG E . 3.84 3.86 7.16
C4 PEG E . 3.50 4.94 6.13
O4 PEG E . 3.14 4.38 4.86
C1 PEG F . -2.35 -5.37 -5.48
O1 PEG F . -1.40 -5.40 -4.42
C2 PEG F . -1.63 -5.35 -6.81
O2 PEG F . -2.39 -4.59 -7.74
C3 PEG F . -1.75 -3.39 -8.17
C4 PEG F . -2.82 -2.40 -8.59
O4 PEG F . -2.30 -1.08 -8.39
#